data_4K1L
#
_entry.id   4K1L
#
_cell.length_a   57.361
_cell.length_b   150.941
_cell.length_c   74.169
_cell.angle_alpha   90.00
_cell.angle_beta   93.79
_cell.angle_gamma   90.00
#
_symmetry.space_group_name_H-M   'P 1 21 1'
#
loop_
_entity.id
_entity.type
_entity.pdbx_description
1 polymer 'Corticosteroid 11-beta-dehydrogenase isozyme 1'
2 non-polymer '(4aS,8aR)-N-cyclohexyl-4a,5,6,7,8,8a-hexahydro-4,1,2-benzoxathiazin-3-amine 1,1-dioxide'
3 non-polymer 'NADPH DIHYDRO-NICOTINAMIDE-ADENINE-DINUCLEOTIDE PHOSPHATE'
4 water water
#
_entity_poly.entity_id   1
_entity_poly.type   'polypeptide(L)'
_entity_poly.pdbx_seq_one_letter_code
;MKHQHQHQHQHQHQQPLNEEFRPEMLQGKKVIVTGASKGIGREMAYHLAKMGAHVVVTARSKETLQKVVSHCLELGAASA
HYIAGTMEDMTFAEQFVAQAGKLMGGLDMLILNHITNTSLNLFHDDIHHVRKSMEVNFLSYVVLTVAALPMLKQSNGSIV
VVSSLAGKVAYPMVAAYSASKFALDGFFSSIRKEYSVSRVNVSITLCVLGLIDTETAMKAVSGIVHMQAAPKEECALEII
KGGALRQEEVYYDSSLWTTLLIRNPSRKILEFLYSTSYNMDRFINK
;
_entity_poly.pdbx_strand_id   A,B,C,D
#
loop_
_chem_comp.id
_chem_comp.type
_chem_comp.name
_chem_comp.formula
NDP non-polymer 'NADPH DIHYDRO-NICOTINAMIDE-ADENINE-DINUCLEOTIDE PHOSPHATE' 'C21 H30 N7 O17 P3'
SFF non-polymer '(4aS,8aR)-N-cyclohexyl-4a,5,6,7,8,8a-hexahydro-4,1,2-benzoxathiazin-3-amine 1,1-dioxide' 'C13 H22 N2 O3 S'
#
# COMPACT_ATOMS: atom_id res chain seq x y z
N GLN A 15 8.74 6.70 -21.73
CA GLN A 15 8.35 5.43 -22.35
C GLN A 15 9.53 4.46 -22.49
N PRO A 16 9.53 3.33 -21.76
CA PRO A 16 10.64 2.38 -21.87
C PRO A 16 10.60 1.53 -23.15
N LEU A 17 11.72 0.86 -23.48
CA LEU A 17 11.77 -0.03 -24.64
C LEU A 17 11.07 -1.34 -24.26
N ASN A 18 9.93 -1.64 -24.94
CA ASN A 18 9.13 -2.85 -24.69
C ASN A 18 9.76 -4.09 -25.38
N GLU A 19 11.10 -4.18 -25.28
CA GLU A 19 11.91 -5.26 -25.82
C GLU A 19 12.68 -5.89 -24.66
N GLU A 20 13.22 -7.09 -24.88
CA GLU A 20 14.06 -7.76 -23.90
C GLU A 20 15.46 -7.20 -24.14
N PHE A 21 16.31 -7.16 -23.11
CA PHE A 21 17.66 -6.62 -23.26
C PHE A 21 18.55 -7.51 -24.16
N ARG A 22 19.37 -6.85 -24.99
CA ARG A 22 20.36 -7.51 -25.85
C ARG A 22 21.70 -6.79 -25.64
N PRO A 23 22.84 -7.50 -25.41
CA PRO A 23 24.12 -6.77 -25.23
C PRO A 23 24.53 -5.87 -26.41
N GLU A 24 23.96 -6.13 -27.60
CA GLU A 24 24.17 -5.39 -28.85
C GLU A 24 23.63 -3.96 -28.75
N MET A 25 22.67 -3.70 -27.83
CA MET A 25 22.10 -2.35 -27.59
C MET A 25 23.18 -1.34 -27.18
N LEU A 26 24.28 -1.82 -26.56
CA LEU A 26 25.39 -0.99 -26.11
C LEU A 26 26.58 -0.94 -27.08
N GLN A 27 26.54 -1.74 -28.16
CA GLN A 27 27.63 -1.77 -29.13
C GLN A 27 27.76 -0.43 -29.81
N GLY A 28 28.96 0.15 -29.73
CA GLY A 28 29.24 1.47 -30.28
C GLY A 28 28.64 2.64 -29.50
N LYS A 29 27.94 2.38 -28.37
CA LYS A 29 27.39 3.50 -27.58
C LYS A 29 28.50 4.24 -26.80
N LYS A 30 28.34 5.56 -26.63
CA LYS A 30 29.31 6.45 -25.97
C LYS A 30 28.84 6.70 -24.55
N VAL A 31 29.50 6.05 -23.60
CA VAL A 31 29.06 6.06 -22.21
C VAL A 31 30.10 6.61 -21.22
N ILE A 32 29.64 7.46 -20.29
CA ILE A 32 30.44 7.94 -19.17
C ILE A 32 30.05 7.08 -17.95
N VAL A 33 31.03 6.63 -17.17
CA VAL A 33 30.78 5.91 -15.93
C VAL A 33 31.59 6.67 -14.88
N THR A 34 30.92 7.23 -13.86
CA THR A 34 31.64 7.94 -12.80
C THR A 34 31.83 6.92 -11.68
N GLY A 35 32.73 7.23 -10.75
CA GLY A 35 33.06 6.34 -9.64
C GLY A 35 33.44 4.98 -10.15
N ALA A 36 34.23 4.96 -11.24
CA ALA A 36 34.56 3.73 -11.94
C ALA A 36 35.92 3.11 -11.65
N SER A 37 36.66 3.62 -10.64
CA SER A 37 37.94 3.00 -10.27
C SER A 37 37.73 1.70 -9.52
N LYS A 38 36.61 1.58 -8.77
CA LYS A 38 36.31 0.37 -7.99
C LYS A 38 34.81 0.08 -7.86
N GLY A 39 34.48 -1.02 -7.17
CA GLY A 39 33.14 -1.48 -6.86
C GLY A 39 32.23 -1.70 -8.06
N ILE A 40 30.99 -1.18 -7.94
CA ILE A 40 29.95 -1.30 -8.98
C ILE A 40 30.30 -0.56 -10.26
N GLY A 41 30.87 0.63 -10.12
CA GLY A 41 31.31 1.49 -11.22
C GLY A 41 32.33 0.80 -12.11
N ARG A 42 33.30 0.10 -11.48
CA ARG A 42 34.31 -0.66 -12.21
C ARG A 42 33.64 -1.83 -12.94
N GLU A 43 32.70 -2.53 -12.26
CA GLU A 43 31.98 -3.66 -12.86
C GLU A 43 31.16 -3.21 -14.06
N MET A 44 30.59 -1.98 -13.99
CA MET A 44 29.85 -1.41 -15.12
C MET A 44 30.74 -1.15 -16.30
N ALA A 45 31.93 -0.53 -16.09
CA ALA A 45 32.88 -0.25 -17.18
C ALA A 45 33.27 -1.52 -17.93
N TYR A 46 33.53 -2.62 -17.17
CA TYR A 46 33.88 -3.93 -17.69
C TYR A 46 32.77 -4.53 -18.51
N HIS A 47 31.51 -4.49 -18.00
CA HIS A 47 30.35 -5.02 -18.72
C HIS A 47 30.16 -4.27 -20.04
N LEU A 48 30.31 -2.94 -20.00
CA LEU A 48 30.18 -2.08 -21.19
C LEU A 48 31.26 -2.37 -22.22
N ALA A 49 32.51 -2.62 -21.74
CA ALA A 49 33.65 -2.95 -22.60
C ALA A 49 33.37 -4.24 -23.36
N LYS A 50 32.88 -5.29 -22.66
CA LYS A 50 32.55 -6.59 -23.23
C LYS A 50 31.44 -6.46 -24.28
N MET A 51 30.57 -5.44 -24.13
CA MET A 51 29.48 -5.12 -25.05
C MET A 51 29.95 -4.30 -26.26
N GLY A 52 31.21 -3.85 -26.22
CA GLY A 52 31.84 -3.11 -27.29
C GLY A 52 31.46 -1.65 -27.32
N ALA A 53 31.23 -1.07 -26.14
CA ALA A 53 30.90 0.35 -26.06
C ALA A 53 32.18 1.16 -26.04
N HIS A 54 32.06 2.48 -26.30
CA HIS A 54 33.12 3.45 -26.11
C HIS A 54 32.85 3.92 -24.65
N VAL A 55 33.90 3.93 -23.80
CA VAL A 55 33.75 4.29 -22.39
C VAL A 55 34.75 5.38 -21.99
N VAL A 56 34.29 6.31 -21.16
CA VAL A 56 35.14 7.31 -20.53
C VAL A 56 34.86 7.11 -19.04
N VAL A 57 35.85 6.66 -18.30
CA VAL A 57 35.75 6.42 -16.84
C VAL A 57 36.37 7.55 -16.02
N THR A 58 35.82 7.76 -14.79
CA THR A 58 36.30 8.78 -13.87
C THR A 58 36.18 8.31 -12.43
N ALA A 59 37.04 8.90 -11.60
CA ALA A 59 37.25 8.72 -10.16
C ALA A 59 38.52 9.51 -9.83
N ARG A 60 38.92 9.54 -8.56
CA ARG A 60 40.12 10.29 -8.17
C ARG A 60 41.42 9.50 -8.41
N SER A 61 41.40 8.17 -8.29
CA SER A 61 42.58 7.31 -8.37
C SER A 61 43.05 6.98 -9.79
N LYS A 62 43.99 7.80 -10.30
CA LYS A 62 44.54 7.68 -11.66
C LYS A 62 45.24 6.36 -12.02
N GLU A 63 45.96 5.74 -11.07
CA GLU A 63 46.66 4.47 -11.30
C GLU A 63 45.68 3.32 -11.44
N THR A 64 44.61 3.31 -10.61
CA THR A 64 43.60 2.25 -10.70
C THR A 64 42.74 2.47 -11.94
N LEU A 65 42.46 3.75 -12.32
CA LEU A 65 41.70 4.11 -13.55
C LEU A 65 42.47 3.69 -14.80
N GLN A 66 43.81 3.79 -14.76
CA GLN A 66 44.73 3.34 -15.84
C GLN A 66 44.53 1.83 -16.05
N LYS A 67 44.57 1.05 -14.95
CA LYS A 67 44.38 -0.41 -14.94
C LYS A 67 43.00 -0.81 -15.45
N VAL A 68 41.96 -0.02 -15.11
CA VAL A 68 40.57 -0.26 -15.53
C VAL A 68 40.44 -0.11 -17.05
N VAL A 69 40.97 0.98 -17.60
CA VAL A 69 40.96 1.31 -19.03
C VAL A 69 41.68 0.21 -19.85
N SER A 70 42.84 -0.26 -19.35
CA SER A 70 43.65 -1.32 -19.96
C SER A 70 42.85 -2.63 -19.99
N HIS A 71 42.13 -2.95 -18.89
CA HIS A 71 41.28 -4.15 -18.84
C HIS A 71 40.08 -4.01 -19.78
N CYS A 72 39.49 -2.79 -19.87
CA CYS A 72 38.37 -2.48 -20.77
C CYS A 72 38.76 -2.74 -22.23
N LEU A 73 39.97 -2.31 -22.63
CA LEU A 73 40.48 -2.54 -23.98
C LEU A 73 40.66 -4.04 -24.25
N GLU A 74 41.16 -4.82 -23.26
CA GLU A 74 41.34 -6.28 -23.37
C GLU A 74 39.99 -6.97 -23.58
N LEU A 75 38.95 -6.51 -22.84
CA LEU A 75 37.59 -7.07 -22.89
C LEU A 75 36.84 -6.78 -24.20
N GLY A 76 37.34 -5.82 -24.98
CA GLY A 76 36.76 -5.49 -26.28
C GLY A 76 36.03 -4.18 -26.40
N ALA A 77 36.38 -3.16 -25.56
CA ALA A 77 35.75 -1.84 -25.65
C ALA A 77 36.11 -1.21 -26.98
N ALA A 78 35.13 -0.55 -27.63
CA ALA A 78 35.34 0.17 -28.89
C ALA A 78 36.45 1.22 -28.67
N SER A 79 36.44 1.88 -27.49
CA SER A 79 37.47 2.79 -27.01
C SER A 79 37.32 2.89 -25.49
N ALA A 80 38.38 3.28 -24.79
CA ALA A 80 38.41 3.43 -23.33
C ALA A 80 39.41 4.52 -22.94
N HIS A 81 38.95 5.50 -22.18
CA HIS A 81 39.78 6.60 -21.68
C HIS A 81 39.39 6.88 -20.25
N TYR A 82 40.31 7.51 -19.50
CA TYR A 82 40.03 7.95 -18.14
C TYR A 82 40.41 9.40 -18.01
N ILE A 83 39.70 10.11 -17.10
CA ILE A 83 39.99 11.48 -16.70
C ILE A 83 39.86 11.43 -15.17
N ALA A 84 40.95 11.76 -14.45
CA ALA A 84 40.93 11.71 -12.97
C ALA A 84 40.63 13.09 -12.39
N GLY A 85 39.89 13.08 -11.28
CA GLY A 85 39.53 14.31 -10.59
C GLY A 85 38.52 14.05 -9.50
N THR A 86 38.29 15.06 -8.66
CA THR A 86 37.34 14.89 -7.54
C THR A 86 36.02 15.55 -7.86
N MET A 87 34.90 14.87 -7.52
CA MET A 87 33.58 15.44 -7.79
C MET A 87 33.15 16.46 -6.73
N GLU A 88 34.09 16.77 -5.82
CA GLU A 88 33.96 17.85 -4.83
C GLU A 88 34.18 19.14 -5.61
N ASP A 89 34.98 19.06 -6.69
CA ASP A 89 35.36 20.18 -7.55
C ASP A 89 34.34 20.25 -8.71
N MET A 90 33.43 21.22 -8.64
CA MET A 90 32.35 21.45 -9.63
C MET A 90 32.86 21.91 -10.99
N THR A 91 34.06 22.55 -11.02
CA THR A 91 34.67 22.97 -12.27
C THR A 91 35.15 21.70 -12.99
N PHE A 92 35.74 20.76 -12.24
CA PHE A 92 36.17 19.49 -12.79
C PHE A 92 34.96 18.74 -13.40
N ALA A 93 33.86 18.59 -12.64
CA ALA A 93 32.63 17.90 -13.06
C ALA A 93 32.14 18.43 -14.42
N GLU A 94 32.01 19.76 -14.56
CA GLU A 94 31.58 20.43 -15.78
C GLU A 94 32.56 20.17 -16.95
N GLN A 95 33.87 20.35 -16.69
CA GLN A 95 34.96 20.18 -17.67
C GLN A 95 35.15 18.74 -18.10
N PHE A 96 34.97 17.80 -17.15
CA PHE A 96 35.07 16.37 -17.42
C PHE A 96 34.11 15.95 -18.55
N VAL A 97 32.84 16.40 -18.49
CA VAL A 97 31.81 16.05 -19.47
C VAL A 97 32.19 16.54 -20.87
N ALA A 98 32.67 17.80 -20.99
CA ALA A 98 33.11 18.36 -22.27
C ALA A 98 34.27 17.54 -22.83
N GLN A 99 35.30 17.22 -22.01
CA GLN A 99 36.45 16.41 -22.42
C GLN A 99 36.02 15.01 -22.85
N ALA A 100 35.18 14.34 -22.02
CA ALA A 100 34.69 12.99 -22.29
C ALA A 100 33.94 12.95 -23.63
N GLY A 101 33.10 13.97 -23.87
CA GLY A 101 32.34 14.13 -25.10
C GLY A 101 33.21 14.32 -26.32
N LYS A 102 34.29 15.10 -26.19
CA LYS A 102 35.26 15.33 -27.27
C LYS A 102 36.05 14.06 -27.62
N LEU A 103 36.43 13.24 -26.61
CA LEU A 103 37.13 11.97 -26.81
C LEU A 103 36.30 10.95 -27.60
N MET A 104 34.98 10.93 -27.36
CA MET A 104 34.08 9.95 -27.98
C MET A 104 33.31 10.45 -29.20
N GLY A 105 33.29 11.77 -29.40
CA GLY A 105 32.52 12.41 -30.46
C GLY A 105 31.04 12.43 -30.15
N GLY A 106 30.71 12.55 -28.87
CA GLY A 106 29.33 12.57 -28.42
C GLY A 106 29.10 11.81 -27.13
N LEU A 107 27.81 11.65 -26.77
CA LEU A 107 27.40 10.97 -25.54
C LEU A 107 26.02 10.37 -25.70
N ASP A 108 25.89 9.07 -25.43
CA ASP A 108 24.63 8.33 -25.48
C ASP A 108 24.08 8.04 -24.07
N MET A 109 24.98 7.76 -23.09
CA MET A 109 24.59 7.39 -21.73
C MET A 109 25.54 7.98 -20.68
N LEU A 110 24.95 8.58 -19.65
CA LEU A 110 25.66 9.17 -18.52
C LEU A 110 25.29 8.35 -17.28
N ILE A 111 26.25 7.57 -16.77
CA ILE A 111 26.07 6.73 -15.58
C ILE A 111 26.69 7.43 -14.38
N LEU A 112 25.82 7.94 -13.49
CA LEU A 112 26.16 8.70 -12.30
C LEU A 112 26.14 7.76 -11.15
N ASN A 113 27.35 7.44 -10.65
CA ASN A 113 27.58 6.38 -9.68
C ASN A 113 28.42 6.72 -8.46
N HIS A 114 29.37 7.65 -8.57
CA HIS A 114 30.28 7.99 -7.47
C HIS A 114 29.58 8.48 -6.20
N ILE A 115 30.18 8.18 -5.02
CA ILE A 115 29.70 8.67 -3.72
C ILE A 115 30.93 9.06 -2.88
N THR A 116 30.78 10.02 -1.95
CA THR A 116 31.87 10.37 -1.04
C THR A 116 32.05 9.22 -0.06
N ASN A 117 33.26 9.03 0.50
CA ASN A 117 33.54 7.96 1.45
C ASN A 117 32.59 8.14 2.64
N THR A 118 31.94 7.04 3.07
CA THR A 118 30.96 7.04 4.16
C THR A 118 31.03 5.76 4.97
N SER A 119 30.81 5.87 6.28
CA SER A 119 30.80 4.72 7.18
C SER A 119 29.50 4.72 7.96
N LEU A 120 29.18 3.67 8.71
CA LEU A 120 27.96 3.64 9.51
C LEU A 120 28.28 4.27 10.85
N ASN A 121 27.59 5.36 11.20
CA ASN A 121 27.80 6.11 12.44
C ASN A 121 26.53 6.85 12.77
N LEU A 122 26.23 7.04 14.06
CA LEU A 122 25.08 7.84 14.47
C LEU A 122 25.39 9.29 14.13
N PHE A 123 24.38 10.06 13.70
CA PHE A 123 24.64 11.45 13.40
C PHE A 123 24.68 12.22 14.71
N HIS A 124 25.72 13.02 14.86
CA HIS A 124 25.92 13.92 15.99
C HIS A 124 26.91 14.98 15.51
N ASP A 125 26.46 16.23 15.41
CA ASP A 125 27.27 17.40 15.06
C ASP A 125 28.03 17.31 13.69
N ASP A 126 27.91 16.22 12.92
CA ASP A 126 28.68 16.10 11.69
C ASP A 126 28.08 16.80 10.48
N ILE A 127 28.05 18.14 10.53
CA ILE A 127 27.56 19.00 9.44
C ILE A 127 28.50 18.86 8.22
N HIS A 128 29.82 18.74 8.46
CA HIS A 128 30.80 18.57 7.39
C HIS A 128 30.42 17.39 6.46
N HIS A 129 30.14 16.19 7.05
CA HIS A 129 29.77 15.00 6.27
C HIS A 129 28.42 15.17 5.58
N VAL A 130 27.47 15.93 6.20
CA VAL A 130 26.17 16.19 5.57
C VAL A 130 26.36 17.03 4.31
N ARG A 131 27.12 18.13 4.41
CA ARG A 131 27.38 19.00 3.28
C ARG A 131 28.22 18.27 2.22
N LYS A 132 29.24 17.49 2.65
CA LYS A 132 30.10 16.76 1.69
C LYS A 132 29.24 15.75 0.91
N SER A 133 28.33 15.03 1.61
CA SER A 133 27.44 14.06 0.96
C SER A 133 26.54 14.75 -0.01
N MET A 134 25.99 15.92 0.37
CA MET A 134 25.14 16.66 -0.54
C MET A 134 25.89 17.18 -1.78
N GLU A 135 27.11 17.69 -1.61
CA GLU A 135 27.91 18.22 -2.71
C GLU A 135 28.33 17.12 -3.67
N VAL A 136 28.93 16.05 -3.14
CA VAL A 136 29.47 14.95 -3.96
C VAL A 136 28.37 14.02 -4.50
N ASN A 137 27.50 13.52 -3.63
CA ASN A 137 26.50 12.53 -4.05
C ASN A 137 25.32 13.10 -4.80
N PHE A 138 25.05 14.39 -4.63
CA PHE A 138 23.90 15.01 -5.26
C PHE A 138 24.21 16.17 -6.20
N LEU A 139 24.78 17.27 -5.66
CA LEU A 139 25.01 18.45 -6.49
C LEU A 139 25.88 18.19 -7.71
N SER A 140 26.96 17.42 -7.56
CA SER A 140 27.82 17.11 -8.72
C SER A 140 27.05 16.36 -9.81
N TYR A 141 26.04 15.52 -9.41
CA TYR A 141 25.19 14.77 -10.36
C TYR A 141 24.39 15.73 -11.23
N VAL A 142 23.92 16.85 -10.63
CA VAL A 142 23.17 17.88 -11.31
C VAL A 142 24.11 18.66 -12.25
N VAL A 143 25.32 19.03 -11.78
CA VAL A 143 26.32 19.75 -12.61
C VAL A 143 26.66 18.86 -13.86
N LEU A 144 26.91 17.55 -13.62
CA LEU A 144 27.23 16.60 -14.69
C LEU A 144 26.08 16.48 -15.69
N THR A 145 24.80 16.47 -15.20
CA THR A 145 23.60 16.37 -16.03
C THR A 145 23.46 17.61 -16.91
N VAL A 146 23.57 18.82 -16.31
CA VAL A 146 23.52 20.08 -17.07
C VAL A 146 24.56 20.06 -18.23
N ALA A 147 25.81 19.69 -17.91
CA ALA A 147 26.93 19.69 -18.87
C ALA A 147 26.76 18.64 -19.96
N ALA A 148 26.06 17.57 -19.65
CA ALA A 148 25.83 16.47 -20.58
C ALA A 148 24.59 16.59 -21.47
N LEU A 149 23.58 17.33 -21.00
CA LEU A 149 22.28 17.32 -21.67
C LEU A 149 22.32 17.66 -23.17
N PRO A 150 23.11 18.77 -23.52
CA PRO A 150 23.11 19.04 -24.97
C PRO A 150 23.48 17.82 -25.82
N MET A 151 24.54 17.11 -25.46
CA MET A 151 24.95 15.89 -26.17
C MET A 151 23.89 14.79 -26.10
N LEU A 152 23.25 14.60 -24.92
CA LEU A 152 22.18 13.60 -24.72
C LEU A 152 20.92 13.92 -25.53
N LYS A 153 20.59 15.21 -25.70
CA LYS A 153 19.42 15.64 -26.51
C LYS A 153 19.71 15.34 -28.00
N GLN A 154 20.97 15.54 -28.44
CA GLN A 154 21.43 15.26 -29.82
C GLN A 154 21.30 13.76 -30.13
N SER A 155 21.64 12.89 -29.17
CA SER A 155 21.58 11.44 -29.34
C SER A 155 20.29 10.76 -28.84
N ASN A 156 19.29 11.49 -28.25
CA ASN A 156 18.08 10.92 -27.62
C ASN A 156 18.58 9.91 -26.55
N GLY A 157 19.58 10.36 -25.80
CA GLY A 157 20.29 9.57 -24.81
C GLY A 157 19.61 9.27 -23.50
N SER A 158 20.44 8.86 -22.52
CA SER A 158 19.97 8.38 -21.23
C SER A 158 20.84 8.79 -20.05
N ILE A 159 20.19 9.09 -18.92
CA ILE A 159 20.83 9.40 -17.65
C ILE A 159 20.47 8.24 -16.72
N VAL A 160 21.49 7.66 -16.10
CA VAL A 160 21.37 6.53 -15.18
C VAL A 160 21.92 7.00 -13.85
N VAL A 161 21.03 7.02 -12.83
CA VAL A 161 21.34 7.51 -11.46
C VAL A 161 21.36 6.34 -10.48
N VAL A 162 22.54 6.08 -9.88
CA VAL A 162 22.71 4.99 -8.92
C VAL A 162 22.30 5.43 -7.50
N SER A 163 21.29 4.75 -6.95
CA SER A 163 20.76 5.07 -5.64
C SER A 163 20.62 3.83 -4.80
N SER A 164 19.87 3.91 -3.68
CA SER A 164 19.89 2.90 -2.65
C SER A 164 18.56 2.75 -1.93
N LEU A 165 18.45 1.68 -1.10
CA LEU A 165 17.26 1.49 -0.25
C LEU A 165 17.13 2.70 0.67
N ALA A 166 18.29 3.25 1.17
CA ALA A 166 18.37 4.44 2.02
C ALA A 166 17.97 5.72 1.25
N GLY A 167 17.74 5.60 -0.06
CA GLY A 167 17.22 6.68 -0.89
C GLY A 167 15.72 6.58 -1.13
N LYS A 168 15.07 5.60 -0.48
CA LYS A 168 13.62 5.34 -0.60
C LYS A 168 12.93 5.19 0.75
N VAL A 169 13.67 4.73 1.78
CA VAL A 169 13.16 4.54 3.13
C VAL A 169 14.20 5.09 4.14
N ALA A 170 13.78 5.38 5.40
CA ALA A 170 14.72 5.88 6.40
C ALA A 170 15.71 4.75 6.79
N TYR A 171 16.96 5.11 7.05
CA TYR A 171 17.97 4.11 7.38
C TYR A 171 18.92 4.71 8.43
N PRO A 172 18.91 4.21 9.67
CA PRO A 172 19.80 4.77 10.69
C PRO A 172 21.25 4.45 10.37
N MET A 173 22.16 5.29 10.87
CA MET A 173 23.63 5.16 10.71
C MET A 173 24.14 5.69 9.38
N VAL A 174 23.23 5.96 8.42
CA VAL A 174 23.59 6.53 7.11
C VAL A 174 22.70 7.76 6.81
N ALA A 175 22.47 8.67 7.79
CA ALA A 175 21.59 9.84 7.61
C ALA A 175 21.99 10.83 6.51
N ALA A 176 23.28 11.26 6.46
CA ALA A 176 23.76 12.19 5.42
C ALA A 176 23.65 11.54 4.03
N TYR A 177 24.03 10.27 3.96
CA TYR A 177 23.98 9.46 2.72
C TYR A 177 22.51 9.34 2.27
N SER A 178 21.62 9.02 3.21
CA SER A 178 20.19 8.90 2.93
C SER A 178 19.62 10.22 2.39
N ALA A 179 19.98 11.36 3.00
CA ALA A 179 19.50 12.67 2.55
C ALA A 179 19.88 12.93 1.09
N SER A 180 21.16 12.65 0.74
CA SER A 180 21.71 12.81 -0.62
C SER A 180 20.99 11.92 -1.66
N LYS A 181 20.68 10.67 -1.29
CA LYS A 181 19.99 9.71 -2.16
C LYS A 181 18.51 10.07 -2.34
N PHE A 182 17.85 10.55 -1.26
CA PHE A 182 16.47 11.04 -1.33
C PHE A 182 16.41 12.27 -2.27
N ALA A 183 17.39 13.21 -2.14
CA ALA A 183 17.45 14.39 -2.99
C ALA A 183 17.55 14.00 -4.47
N LEU A 184 18.33 12.95 -4.82
CA LEU A 184 18.44 12.47 -6.21
C LEU A 184 17.07 12.05 -6.77
N ASP A 185 16.27 11.38 -5.93
CA ASP A 185 14.93 10.96 -6.33
C ASP A 185 14.04 12.16 -6.61
N GLY A 186 13.95 13.09 -5.66
CA GLY A 186 13.18 14.31 -5.84
C GLY A 186 13.59 15.08 -7.07
N PHE A 187 14.90 15.33 -7.22
CA PHE A 187 15.37 16.10 -8.37
C PHE A 187 15.15 15.37 -9.70
N PHE A 188 15.72 14.15 -9.84
CA PHE A 188 15.66 13.44 -11.12
C PHE A 188 14.27 12.98 -11.56
N SER A 189 13.42 12.67 -10.58
CA SER A 189 12.04 12.25 -10.88
C SER A 189 11.21 13.43 -11.30
N SER A 190 11.51 14.63 -10.75
CA SER A 190 10.79 15.87 -11.11
C SER A 190 11.20 16.34 -12.52
N ILE A 191 12.50 16.31 -12.84
CA ILE A 191 12.91 16.68 -14.21
C ILE A 191 12.44 15.62 -15.24
N ARG A 192 12.23 14.37 -14.79
CA ARG A 192 11.71 13.32 -15.70
C ARG A 192 10.31 13.74 -16.19
N LYS A 193 9.47 14.25 -15.29
CA LYS A 193 8.13 14.74 -15.60
C LYS A 193 8.21 15.97 -16.52
N GLU A 194 9.17 16.87 -16.27
CA GLU A 194 9.39 18.07 -17.09
C GLU A 194 9.80 17.69 -18.52
N TYR A 195 10.70 16.68 -18.67
CA TYR A 195 11.17 16.21 -19.98
C TYR A 195 10.04 15.56 -20.78
N SER A 196 9.13 14.89 -20.08
CA SER A 196 7.95 14.25 -20.65
C SER A 196 7.03 15.32 -21.29
N VAL A 197 6.70 16.39 -20.57
CA VAL A 197 5.82 17.47 -21.07
C VAL A 197 6.49 18.42 -22.07
N SER A 198 7.82 18.56 -21.99
CA SER A 198 8.56 19.44 -22.89
C SER A 198 9.11 18.69 -24.12
N ARG A 199 8.83 17.38 -24.21
CA ARG A 199 9.30 16.51 -25.31
C ARG A 199 10.84 16.43 -25.44
N VAL A 200 11.54 16.39 -24.29
CA VAL A 200 12.99 16.20 -24.24
C VAL A 200 13.12 14.68 -24.17
N ASN A 201 13.59 14.07 -25.26
CA ASN A 201 13.68 12.62 -25.38
C ASN A 201 14.97 12.01 -24.76
N VAL A 202 15.23 12.36 -23.50
CA VAL A 202 16.36 11.85 -22.75
C VAL A 202 15.75 11.08 -21.58
N SER A 203 16.06 9.79 -21.45
CA SER A 203 15.48 9.03 -20.37
C SER A 203 16.25 9.19 -19.07
N ILE A 204 15.57 8.96 -17.96
CA ILE A 204 16.15 9.05 -16.61
C ILE A 204 15.80 7.76 -15.90
N THR A 205 16.84 6.98 -15.52
CA THR A 205 16.69 5.74 -14.81
C THR A 205 17.25 5.86 -13.40
N LEU A 206 16.38 5.68 -12.37
CA LEU A 206 16.83 5.68 -10.97
C LEU A 206 16.97 4.24 -10.49
N CYS A 207 18.19 3.85 -10.08
CA CYS A 207 18.46 2.46 -9.67
C CYS A 207 18.50 2.39 -8.17
N VAL A 208 17.65 1.55 -7.59
CA VAL A 208 17.52 1.41 -6.15
C VAL A 208 18.17 0.10 -5.75
N LEU A 209 19.35 0.20 -5.15
CA LEU A 209 20.07 -1.02 -4.78
C LEU A 209 20.05 -1.29 -3.30
N GLY A 210 20.03 -2.58 -2.97
CA GLY A 210 20.18 -3.07 -1.61
C GLY A 210 21.65 -3.36 -1.35
N LEU A 211 21.97 -4.11 -0.29
CA LEU A 211 23.37 -4.42 0.01
C LEU A 211 24.07 -5.19 -1.13
N ILE A 212 25.20 -4.64 -1.61
CA ILE A 212 26.02 -5.22 -2.69
C ILE A 212 27.38 -5.57 -2.12
N ASP A 213 27.94 -6.71 -2.51
CA ASP A 213 29.20 -7.25 -2.00
C ASP A 213 30.48 -6.51 -2.39
N THR A 214 30.45 -5.16 -2.49
CA THR A 214 31.66 -4.41 -2.82
C THR A 214 32.53 -4.37 -1.57
N GLU A 215 33.85 -4.22 -1.76
CA GLU A 215 34.82 -4.11 -0.67
C GLU A 215 34.43 -3.00 0.29
N THR A 216 34.05 -1.82 -0.24
CA THR A 216 33.60 -0.66 0.57
C THR A 216 32.42 -1.02 1.49
N ALA A 217 31.31 -1.54 0.92
CA ALA A 217 30.13 -1.88 1.68
C ALA A 217 30.38 -3.00 2.68
N MET A 218 31.13 -4.06 2.28
CA MET A 218 31.43 -5.21 3.16
C MET A 218 32.22 -4.85 4.40
N LYS A 219 33.15 -3.90 4.24
CA LYS A 219 33.97 -3.36 5.32
C LYS A 219 33.11 -2.43 6.21
N ALA A 220 32.34 -1.49 5.59
CA ALA A 220 31.46 -0.55 6.30
C ALA A 220 30.43 -1.21 7.18
N VAL A 221 29.84 -2.33 6.71
CA VAL A 221 28.79 -3.08 7.42
C VAL A 221 29.28 -4.16 8.39
N SER A 222 30.58 -4.59 8.28
CA SER A 222 31.16 -5.65 9.09
C SER A 222 30.91 -5.44 10.58
N GLY A 223 30.28 -6.44 11.19
CA GLY A 223 29.92 -6.44 12.60
C GLY A 223 28.70 -5.63 12.96
N ILE A 224 28.27 -4.72 12.08
CA ILE A 224 27.14 -3.86 12.39
C ILE A 224 25.84 -4.27 11.70
N VAL A 225 25.87 -4.36 10.38
CA VAL A 225 24.69 -4.78 9.63
C VAL A 225 24.96 -6.14 9.03
N HIS A 226 24.16 -7.14 9.38
CA HIS A 226 24.36 -8.44 8.79
C HIS A 226 23.16 -9.06 8.07
N MET A 227 23.29 -9.01 6.76
CA MET A 227 22.40 -9.60 5.79
C MET A 227 23.36 -9.75 4.64
N GLN A 228 22.92 -10.32 3.54
CA GLN A 228 23.75 -10.27 2.33
C GLN A 228 23.08 -9.34 1.33
N ALA A 229 23.79 -8.65 0.44
CA ALA A 229 25.12 -8.92 -0.13
C ALA A 229 24.94 -9.64 -1.46
N ALA A 230 24.30 -8.96 -2.39
CA ALA A 230 24.10 -9.46 -3.74
C ALA A 230 25.38 -9.24 -4.54
N PRO A 231 25.62 -10.05 -5.54
CA PRO A 231 26.89 -9.92 -6.28
C PRO A 231 27.00 -8.63 -7.10
N LYS A 232 28.18 -7.96 -6.98
CA LYS A 232 28.49 -6.70 -7.67
C LYS A 232 28.46 -6.77 -9.19
N GLU A 233 28.82 -7.95 -9.77
CA GLU A 233 28.87 -8.17 -11.23
C GLU A 233 27.49 -8.15 -11.86
N GLU A 234 26.54 -8.91 -11.28
CA GLU A 234 25.14 -8.99 -11.69
C GLU A 234 24.42 -7.62 -11.50
N CYS A 235 24.77 -6.89 -10.42
CA CYS A 235 24.22 -5.57 -10.06
C CYS A 235 24.52 -4.57 -11.15
N ALA A 236 25.79 -4.48 -11.55
CA ALA A 236 26.29 -3.59 -12.58
C ALA A 236 25.56 -3.83 -13.90
N LEU A 237 25.32 -5.11 -14.24
CA LEU A 237 24.61 -5.47 -15.45
C LEU A 237 23.14 -4.99 -15.35
N GLU A 238 22.47 -5.20 -14.20
CA GLU A 238 21.08 -4.75 -14.02
C GLU A 238 20.92 -3.23 -14.20
N ILE A 239 21.91 -2.45 -13.73
CA ILE A 239 21.92 -0.99 -13.89
C ILE A 239 21.99 -0.66 -15.39
N ILE A 240 22.95 -1.28 -16.12
CA ILE A 240 23.11 -1.07 -17.57
C ILE A 240 21.83 -1.44 -18.34
N LYS A 241 21.23 -2.60 -18.02
CA LYS A 241 20.00 -3.09 -18.68
C LYS A 241 18.84 -2.13 -18.52
N GLY A 242 18.60 -1.67 -17.28
CA GLY A 242 17.55 -0.72 -16.98
C GLY A 242 17.73 0.58 -17.74
N GLY A 243 18.97 1.06 -17.81
CA GLY A 243 19.28 2.27 -18.57
C GLY A 243 19.08 2.09 -20.07
N ALA A 244 19.58 0.97 -20.62
CA ALA A 244 19.46 0.61 -22.04
C ALA A 244 17.99 0.54 -22.46
N LEU A 245 17.15 -0.01 -21.55
CA LEU A 245 15.71 -0.18 -21.76
C LEU A 245 14.89 1.06 -21.41
N ARG A 246 15.56 2.15 -20.98
CA ARG A 246 14.94 3.44 -20.65
C ARG A 246 13.85 3.30 -19.58
N GLN A 247 14.04 2.35 -18.66
CA GLN A 247 13.10 2.11 -17.56
C GLN A 247 13.22 3.24 -16.56
N GLU A 248 12.11 3.62 -15.90
CA GLU A 248 12.16 4.71 -14.93
C GLU A 248 12.93 4.31 -13.69
N GLU A 249 12.66 3.10 -13.17
CA GLU A 249 13.30 2.61 -11.97
C GLU A 249 13.73 1.17 -12.09
N VAL A 250 14.89 0.87 -11.50
CA VAL A 250 15.46 -0.47 -11.41
C VAL A 250 15.57 -0.75 -9.91
N TYR A 251 15.15 -1.92 -9.50
CA TYR A 251 15.24 -2.39 -8.11
C TYR A 251 16.13 -3.61 -8.11
N TYR A 252 17.21 -3.56 -7.31
CA TYR A 252 18.14 -4.69 -7.23
C TYR A 252 18.52 -4.95 -5.77
N ASP A 253 17.92 -6.01 -5.20
CA ASP A 253 18.10 -6.42 -3.82
C ASP A 253 17.95 -7.93 -3.73
N SER A 254 18.51 -8.56 -2.68
CA SER A 254 18.41 -10.01 -2.49
C SER A 254 17.07 -10.47 -1.87
N SER A 255 16.28 -9.55 -1.28
CA SER A 255 14.97 -9.87 -0.65
C SER A 255 13.78 -9.63 -1.58
N LEU A 256 12.85 -10.60 -1.63
CA LEU A 256 11.63 -10.52 -2.46
C LEU A 256 10.59 -9.55 -1.88
N TRP A 257 10.64 -9.30 -0.53
CA TRP A 257 9.78 -8.34 0.18
C TRP A 257 10.05 -6.94 -0.39
N THR A 258 11.34 -6.60 -0.59
CA THR A 258 11.78 -5.30 -1.09
C THR A 258 11.09 -4.91 -2.38
N THR A 259 11.30 -5.67 -3.46
CA THR A 259 10.73 -5.41 -4.79
C THR A 259 9.23 -5.11 -4.75
N LEU A 260 8.45 -5.90 -4.00
CA LEU A 260 7.00 -5.73 -3.88
C LEU A 260 6.57 -4.53 -3.03
N LEU A 261 7.26 -4.26 -1.92
CA LEU A 261 6.89 -3.18 -1.00
C LEU A 261 7.51 -1.84 -1.30
N ILE A 262 8.64 -1.86 -2.02
CA ILE A 262 9.36 -0.65 -2.36
C ILE A 262 8.55 0.15 -3.38
N ARG A 263 7.84 -0.55 -4.31
CA ARG A 263 6.98 0.09 -5.30
C ARG A 263 5.99 1.03 -4.61
N ASN A 264 5.73 2.17 -5.25
CA ASN A 264 4.81 3.13 -4.68
C ASN A 264 3.69 3.54 -5.68
N PRO A 265 2.65 2.68 -5.87
CA PRO A 265 1.57 3.06 -6.81
C PRO A 265 0.80 4.30 -6.37
N SER A 266 0.70 4.51 -5.05
CA SER A 266 0.07 5.70 -4.43
C SER A 266 0.77 7.00 -4.88
N ARG A 267 2.13 6.97 -4.89
CA ARG A 267 2.93 8.09 -5.38
C ARG A 267 2.65 8.25 -6.87
N LYS A 268 2.66 7.15 -7.64
CA LYS A 268 2.38 7.21 -9.08
C LYS A 268 0.95 7.75 -9.38
N ILE A 269 -0.04 7.38 -8.56
CA ILE A 269 -1.42 7.88 -8.70
C ILE A 269 -1.40 9.41 -8.50
N LEU A 270 -0.79 9.87 -7.37
CA LEU A 270 -0.74 11.31 -7.07
C LEU A 270 -0.07 12.16 -8.12
N GLU A 271 1.08 11.67 -8.66
CA GLU A 271 1.83 12.34 -9.72
C GLU A 271 0.96 12.51 -10.98
N PHE A 272 0.20 11.48 -11.36
CA PHE A 272 -0.74 11.52 -12.49
C PHE A 272 -1.89 12.51 -12.20
N LEU A 273 -2.51 12.45 -11.00
CA LEU A 273 -3.60 13.35 -10.61
C LEU A 273 -3.18 14.81 -10.53
N TYR A 274 -1.97 15.09 -10.02
CA TYR A 274 -1.50 16.47 -9.93
C TYR A 274 -0.95 17.04 -11.24
N SER A 275 -0.81 16.19 -12.27
CA SER A 275 -0.31 16.59 -13.58
C SER A 275 -1.40 17.23 -14.42
N THR A 276 -2.65 16.71 -14.32
CA THR A 276 -3.83 17.19 -15.07
C THR A 276 -4.30 18.60 -14.64
N SER A 277 -3.68 19.18 -13.58
CA SER A 277 -4.00 20.50 -13.07
C SER A 277 -3.43 21.61 -13.97
N GLN B 14 9.55 7.40 16.98
CA GLN B 14 9.15 7.72 18.35
C GLN B 14 7.71 7.31 18.70
N GLN B 15 7.39 7.32 19.99
CA GLN B 15 6.06 7.04 20.49
C GLN B 15 5.28 8.36 20.63
N PRO B 16 4.19 8.55 19.84
CA PRO B 16 3.43 9.79 19.96
C PRO B 16 2.62 9.80 21.25
N LEU B 17 2.13 10.99 21.67
CA LEU B 17 1.31 11.11 22.86
C LEU B 17 -0.09 10.59 22.50
N ASN B 18 -0.51 9.49 23.16
CA ASN B 18 -1.81 8.88 22.90
C ASN B 18 -2.89 9.63 23.68
N GLU B 19 -3.23 10.83 23.17
CA GLU B 19 -4.21 11.75 23.72
C GLU B 19 -4.63 12.77 22.69
N GLU B 20 -5.65 13.56 23.02
CA GLU B 20 -6.14 14.61 22.16
C GLU B 20 -5.30 15.86 22.43
N PHE B 21 -5.13 16.67 21.40
CA PHE B 21 -4.41 17.93 21.55
C PHE B 21 -5.27 18.89 22.34
N ARG B 22 -4.64 19.73 23.15
CA ARG B 22 -5.31 20.81 23.84
C ARG B 22 -4.37 22.02 23.76
N PRO B 23 -4.89 23.26 23.55
CA PRO B 23 -3.98 24.42 23.46
C PRO B 23 -3.09 24.64 24.69
N GLU B 24 -3.54 24.13 25.88
CA GLU B 24 -2.74 24.26 27.12
C GLU B 24 -1.42 23.50 27.05
N MET B 25 -1.26 22.54 26.10
CA MET B 25 0.01 21.82 25.88
C MET B 25 1.17 22.77 25.55
N LEU B 26 0.88 23.98 24.98
CA LEU B 26 1.89 24.97 24.59
C LEU B 26 2.09 26.08 25.60
N GLN B 27 1.25 26.12 26.66
CA GLN B 27 1.35 27.14 27.72
C GLN B 27 2.72 27.13 28.40
N GLY B 28 3.41 28.24 28.29
CA GLY B 28 4.74 28.44 28.84
C GLY B 28 5.85 27.70 28.10
N LYS B 29 5.52 26.96 27.02
CA LYS B 29 6.55 26.27 26.21
C LYS B 29 7.46 27.27 25.48
N LYS B 30 8.72 26.88 25.21
CA LYS B 30 9.74 27.77 24.60
C LYS B 30 9.97 27.32 23.18
N VAL B 31 9.45 28.15 22.23
CA VAL B 31 9.35 27.77 20.82
C VAL B 31 10.04 28.73 19.86
N ILE B 32 10.80 28.13 18.93
CA ILE B 32 11.41 28.86 17.85
C ILE B 32 10.52 28.59 16.65
N VAL B 33 10.23 29.64 15.87
CA VAL B 33 9.52 29.53 14.60
C VAL B 33 10.40 30.22 13.55
N THR B 34 10.93 29.46 12.58
CA THR B 34 11.72 30.09 11.50
C THR B 34 10.77 30.43 10.35
N GLY B 35 11.18 31.34 9.46
CA GLY B 35 10.33 31.79 8.36
C GLY B 35 8.99 32.29 8.87
N ALA B 36 9.02 33.11 9.93
CA ALA B 36 7.82 33.55 10.62
C ALA B 36 7.39 35.02 10.39
N SER B 37 7.98 35.70 9.40
CA SER B 37 7.55 37.07 9.07
C SER B 37 6.24 37.07 8.26
N LYS B 38 5.93 35.95 7.57
CA LYS B 38 4.72 35.87 6.73
C LYS B 38 4.28 34.43 6.53
N GLY B 39 3.17 34.24 5.80
CA GLY B 39 2.63 32.93 5.45
C GLY B 39 2.30 32.04 6.63
N ILE B 40 2.61 30.74 6.50
CA ILE B 40 2.32 29.71 7.52
C ILE B 40 3.07 29.97 8.81
N GLY B 41 4.32 30.37 8.69
CA GLY B 41 5.18 30.66 9.85
C GLY B 41 4.59 31.73 10.74
N ARG B 42 4.10 32.83 10.11
CA ARG B 42 3.45 33.92 10.86
C ARG B 42 2.20 33.41 11.57
N GLU B 43 1.37 32.60 10.88
CA GLU B 43 0.17 31.99 11.46
C GLU B 43 0.50 31.12 12.67
N MET B 44 1.62 30.36 12.58
CA MET B 44 2.09 29.50 13.69
C MET B 44 2.50 30.33 14.89
N ALA B 45 3.19 31.45 14.64
CA ALA B 45 3.61 32.37 15.71
C ALA B 45 2.34 32.90 16.44
N TYR B 46 1.30 33.28 15.67
CA TYR B 46 0.04 33.79 16.24
C TYR B 46 -0.69 32.73 17.06
N HIS B 47 -0.75 31.49 16.56
CA HIS B 47 -1.37 30.38 17.30
C HIS B 47 -0.64 30.14 18.62
N LEU B 48 0.70 30.05 18.58
CA LEU B 48 1.53 29.85 19.79
C LEU B 48 1.35 30.98 20.81
N ALA B 49 1.26 32.23 20.33
CA ALA B 49 1.03 33.42 21.16
C ALA B 49 -0.32 33.27 21.89
N LYS B 50 -1.39 32.90 21.15
CA LYS B 50 -2.73 32.71 21.74
C LYS B 50 -2.74 31.57 22.76
N MET B 51 -1.86 30.58 22.58
CA MET B 51 -1.70 29.44 23.50
C MET B 51 -0.84 29.80 24.76
N GLY B 52 -0.31 31.01 24.83
CA GLY B 52 0.52 31.46 25.94
C GLY B 52 1.95 30.92 25.92
N ALA B 53 2.49 30.58 24.72
CA ALA B 53 3.88 30.13 24.62
C ALA B 53 4.86 31.31 24.66
N HIS B 54 6.15 31.00 24.86
CA HIS B 54 7.25 31.94 24.72
C HIS B 54 7.67 31.71 23.24
N VAL B 55 7.80 32.77 22.44
CA VAL B 55 8.15 32.60 21.03
C VAL B 55 9.37 33.44 20.61
N VAL B 56 10.25 32.87 19.77
CA VAL B 56 11.35 33.62 19.17
C VAL B 56 11.19 33.34 17.67
N VAL B 57 10.86 34.40 16.92
CA VAL B 57 10.63 34.30 15.49
C VAL B 57 11.84 34.79 14.72
N THR B 58 12.02 34.26 13.50
CA THR B 58 13.11 34.70 12.63
C THR B 58 12.64 34.64 11.18
N ALA B 59 13.32 35.41 10.35
CA ALA B 59 13.20 35.59 8.89
C ALA B 59 14.16 36.75 8.61
N ARG B 60 14.20 37.25 7.37
CA ARG B 60 15.12 38.35 7.04
C ARG B 60 14.48 39.71 7.35
N SER B 61 13.17 39.81 7.16
CA SER B 61 12.41 41.05 7.25
C SER B 61 12.27 41.64 8.67
N LYS B 62 13.25 42.47 9.07
CA LYS B 62 13.33 43.12 10.38
C LYS B 62 12.03 43.84 10.78
N GLU B 63 11.52 44.68 9.87
CA GLU B 63 10.34 45.47 10.14
C GLU B 63 9.07 44.66 10.30
N THR B 64 8.81 43.69 9.41
CA THR B 64 7.60 42.89 9.58
C THR B 64 7.73 41.96 10.81
N LEU B 65 8.97 41.53 11.16
CA LEU B 65 9.21 40.69 12.35
C LEU B 65 8.79 41.43 13.62
N GLN B 66 9.11 42.76 13.70
CA GLN B 66 8.73 43.61 14.85
C GLN B 66 7.20 43.64 14.97
N LYS B 67 6.51 43.79 13.82
CA LYS B 67 5.05 43.84 13.79
C LYS B 67 4.45 42.51 14.24
N VAL B 68 5.02 41.38 13.77
CA VAL B 68 4.57 40.02 14.17
C VAL B 68 4.78 39.88 15.70
N VAL B 69 5.95 40.30 16.19
CA VAL B 69 6.24 40.24 17.64
C VAL B 69 5.24 41.06 18.46
N SER B 70 4.93 42.31 18.03
CA SER B 70 3.96 43.13 18.75
C SER B 70 2.60 42.50 18.78
N HIS B 71 2.16 41.91 17.64
CA HIS B 71 0.86 41.24 17.60
C HIS B 71 0.86 39.99 18.49
N CYS B 72 1.98 39.23 18.54
CA CYS B 72 2.14 38.06 19.41
C CYS B 72 1.92 38.43 20.89
N LEU B 73 2.52 39.54 21.36
CA LEU B 73 2.36 40.03 22.72
C LEU B 73 0.90 40.37 23.02
N GLU B 74 0.24 41.04 22.07
CA GLU B 74 -1.17 41.41 22.14
C GLU B 74 -2.08 40.18 22.24
N LEU B 75 -1.73 39.10 21.53
CA LEU B 75 -2.52 37.84 21.55
C LEU B 75 -2.39 37.02 22.84
N GLY B 76 -1.36 37.28 23.64
CA GLY B 76 -1.19 36.56 24.90
C GLY B 76 0.09 35.78 25.05
N ALA B 77 1.08 35.99 24.15
CA ALA B 77 2.37 35.27 24.26
C ALA B 77 2.98 35.48 25.66
N ALA B 78 3.59 34.43 26.23
CA ALA B 78 4.26 34.57 27.53
C ALA B 78 5.41 35.59 27.33
N SER B 79 6.04 35.55 26.14
CA SER B 79 7.07 36.48 25.67
C SER B 79 7.22 36.28 24.17
N ALA B 80 7.73 37.31 23.46
CA ALA B 80 7.95 37.22 22.01
C ALA B 80 9.10 38.13 21.63
N HIS B 81 10.05 37.61 20.84
CA HIS B 81 11.23 38.35 20.38
C HIS B 81 11.53 37.91 18.96
N TYR B 82 12.24 38.75 18.20
CA TYR B 82 12.67 38.37 16.87
C TYR B 82 14.18 38.56 16.74
N ILE B 83 14.79 37.80 15.82
CA ILE B 83 16.19 37.93 15.44
C ILE B 83 16.12 37.83 13.92
N ALA B 84 16.54 38.90 13.22
CA ALA B 84 16.52 38.96 11.75
C ALA B 84 17.82 38.45 11.18
N GLY B 85 17.74 37.80 10.04
CA GLY B 85 18.92 37.29 9.37
C GLY B 85 18.57 36.32 8.27
N THR B 86 19.56 35.99 7.45
CA THR B 86 19.36 35.04 6.36
C THR B 86 19.84 33.66 6.73
N MET B 87 19.03 32.64 6.42
CA MET B 87 19.42 31.26 6.68
C MET B 87 20.37 30.73 5.59
N GLU B 88 20.80 31.60 4.67
CA GLU B 88 21.85 31.24 3.71
C GLU B 88 23.19 31.23 4.49
N ASP B 89 23.22 31.96 5.63
CA ASP B 89 24.39 32.09 6.51
C ASP B 89 24.33 31.07 7.64
N MET B 90 25.15 30.01 7.56
CA MET B 90 25.22 28.94 8.57
C MET B 90 25.70 29.45 9.94
N THR B 91 26.54 30.52 9.97
CA THR B 91 27.02 31.16 11.22
C THR B 91 25.83 31.82 11.92
N PHE B 92 25.02 32.59 11.18
CA PHE B 92 23.79 33.22 11.69
C PHE B 92 22.85 32.15 12.28
N ALA B 93 22.67 31.02 11.54
CA ALA B 93 21.77 29.94 11.97
C ALA B 93 22.21 29.39 13.32
N GLU B 94 23.53 29.13 13.45
CA GLU B 94 24.11 28.62 14.70
C GLU B 94 23.97 29.64 15.87
N GLN B 95 24.28 30.93 15.61
CA GLN B 95 24.18 32.01 16.62
C GLN B 95 22.76 32.31 17.04
N PHE B 96 21.82 32.22 16.08
CA PHE B 96 20.40 32.50 16.30
C PHE B 96 19.85 31.54 17.37
N VAL B 97 20.18 30.26 17.28
CA VAL B 97 19.70 29.27 18.26
C VAL B 97 20.18 29.61 19.67
N ALA B 98 21.50 29.90 19.80
CA ALA B 98 22.10 30.26 21.11
C ALA B 98 21.38 31.46 21.72
N GLN B 99 21.11 32.51 20.92
CA GLN B 99 20.43 33.73 21.38
C GLN B 99 18.95 33.50 21.71
N ALA B 100 18.25 32.74 20.83
CA ALA B 100 16.84 32.41 21.08
C ALA B 100 16.74 31.66 22.41
N GLY B 101 17.68 30.72 22.64
CA GLY B 101 17.74 29.95 23.88
C GLY B 101 17.90 30.83 25.11
N LYS B 102 18.78 31.87 25.05
CA LYS B 102 19.01 32.80 26.15
C LYS B 102 17.79 33.68 26.42
N LEU B 103 17.11 34.11 25.34
CA LEU B 103 15.90 34.94 25.43
C LEU B 103 14.76 34.23 26.15
N MET B 104 14.63 32.91 25.97
CA MET B 104 13.53 32.15 26.58
C MET B 104 13.94 31.34 27.80
N GLY B 105 15.25 31.17 27.99
CA GLY B 105 15.80 30.36 29.07
C GLY B 105 15.70 28.88 28.79
N GLY B 106 15.92 28.50 27.54
CA GLY B 106 15.84 27.11 27.12
C GLY B 106 15.03 26.94 25.84
N LEU B 107 14.77 25.69 25.44
CA LEU B 107 14.02 25.44 24.23
C LEU B 107 13.24 24.12 24.35
N ASP B 108 11.97 24.13 23.98
CA ASP B 108 11.10 22.95 24.02
C ASP B 108 10.74 22.45 22.62
N MET B 109 10.54 23.39 21.67
CA MET B 109 10.15 23.05 20.31
C MET B 109 10.84 23.92 19.26
N LEU B 110 11.41 23.27 18.24
CA LEU B 110 12.10 23.91 17.13
C LEU B 110 11.25 23.69 15.89
N ILE B 111 10.65 24.74 15.37
CA ILE B 111 9.82 24.68 14.17
C ILE B 111 10.58 25.26 13.02
N LEU B 112 11.06 24.36 12.14
CA LEU B 112 11.85 24.65 10.96
C LEU B 112 10.90 24.78 9.76
N ASN B 113 10.71 26.03 9.30
CA ASN B 113 9.69 26.34 8.30
C ASN B 113 10.13 27.20 7.11
N HIS B 114 11.18 28.03 7.25
CA HIS B 114 11.69 28.89 6.16
C HIS B 114 12.11 28.11 4.92
N ILE B 115 12.01 28.77 3.75
CA ILE B 115 12.50 28.27 2.46
C ILE B 115 13.04 29.48 1.69
N THR B 116 13.90 29.23 0.70
CA THR B 116 14.36 30.28 -0.18
C THR B 116 13.26 30.55 -1.22
N ASN B 117 13.30 31.73 -1.85
CA ASN B 117 12.32 32.08 -2.89
C ASN B 117 12.37 31.07 -4.05
N THR B 118 11.22 30.52 -4.44
CA THR B 118 11.09 29.53 -5.53
C THR B 118 9.90 29.88 -6.44
N SER B 119 10.05 29.68 -7.74
CA SER B 119 8.92 29.89 -8.66
C SER B 119 8.73 28.62 -9.46
N LEU B 120 7.66 28.52 -10.27
CA LEU B 120 7.47 27.32 -11.09
C LEU B 120 8.19 27.59 -12.38
N ASN B 121 9.20 26.76 -12.68
CA ASN B 121 9.98 26.93 -13.92
C ASN B 121 10.56 25.59 -14.33
N LEU B 122 10.72 25.38 -15.63
CA LEU B 122 11.38 24.19 -16.14
C LEU B 122 12.85 24.27 -15.69
N PHE B 123 13.45 23.16 -15.26
CA PHE B 123 14.88 23.20 -14.89
C PHE B 123 15.70 23.15 -16.19
N HIS B 124 16.67 24.05 -16.33
CA HIS B 124 17.52 24.03 -17.51
C HIS B 124 19.02 23.91 -17.14
N ASP B 125 19.57 24.97 -16.55
CA ASP B 125 20.97 25.05 -16.16
C ASP B 125 21.12 25.84 -14.86
N ASP B 126 20.03 25.97 -14.07
CA ASP B 126 20.06 26.73 -12.83
C ASP B 126 20.60 25.98 -11.62
N ILE B 127 21.91 25.65 -11.65
CA ILE B 127 22.64 25.02 -10.54
C ILE B 127 22.64 25.95 -9.33
N HIS B 128 22.67 27.27 -9.57
CA HIS B 128 22.70 28.24 -8.47
C HIS B 128 21.45 28.09 -7.62
N HIS B 129 20.25 27.97 -8.26
CA HIS B 129 18.99 27.76 -7.52
C HIS B 129 18.95 26.41 -6.83
N VAL B 130 19.52 25.35 -7.47
CA VAL B 130 19.56 24.01 -6.86
C VAL B 130 20.40 24.09 -5.59
N ARG B 131 21.58 24.72 -5.69
CA ARG B 131 22.49 24.81 -4.55
C ARG B 131 21.89 25.68 -3.44
N LYS B 132 21.27 26.82 -3.80
CA LYS B 132 20.68 27.71 -2.80
C LYS B 132 19.49 27.05 -2.09
N SER B 133 18.67 26.28 -2.82
CA SER B 133 17.53 25.53 -2.25
C SER B 133 18.07 24.50 -1.29
N MET B 134 19.13 23.77 -1.71
CA MET B 134 19.71 22.78 -0.82
C MET B 134 20.28 23.44 0.46
N GLU B 135 20.96 24.57 0.33
CA GLU B 135 21.57 25.27 1.46
C GLU B 135 20.53 25.82 2.42
N VAL B 136 19.58 26.62 1.91
CA VAL B 136 18.55 27.25 2.75
C VAL B 136 17.49 26.21 3.26
N ASN B 137 16.86 25.47 2.32
CA ASN B 137 15.76 24.55 2.65
C ASN B 137 16.14 23.30 3.43
N PHE B 138 17.40 22.86 3.27
CA PHE B 138 17.86 21.64 3.91
C PHE B 138 19.02 21.83 4.87
N LEU B 139 20.22 22.19 4.37
CA LEU B 139 21.41 22.29 5.24
C LEU B 139 21.23 23.15 6.49
N SER B 140 20.61 24.32 6.35
CA SER B 140 20.39 25.20 7.48
C SER B 140 19.48 24.57 8.54
N TYR B 141 18.57 23.65 8.14
CA TYR B 141 17.70 22.97 9.11
C TYR B 141 18.58 22.01 9.91
N VAL B 142 19.59 21.37 9.25
CA VAL B 142 20.53 20.46 9.93
C VAL B 142 21.36 21.27 10.93
N VAL B 143 21.89 22.42 10.49
CA VAL B 143 22.72 23.30 11.33
C VAL B 143 21.90 23.76 12.55
N LEU B 144 20.65 24.20 12.31
CA LEU B 144 19.75 24.64 13.41
C LEU B 144 19.49 23.51 14.44
N THR B 145 19.27 22.26 13.96
CA THR B 145 19.02 21.08 14.79
C THR B 145 20.23 20.80 15.68
N VAL B 146 21.43 20.78 15.09
CA VAL B 146 22.68 20.54 15.83
C VAL B 146 22.83 21.56 16.97
N ALA B 147 22.67 22.86 16.66
CA ALA B 147 22.74 23.98 17.62
C ALA B 147 21.67 23.88 18.74
N ALA B 148 20.47 23.39 18.39
CA ALA B 148 19.33 23.28 19.31
C ALA B 148 19.28 22.02 20.15
N LEU B 149 19.98 20.96 19.71
CA LEU B 149 19.97 19.62 20.31
C LEU B 149 20.29 19.56 21.81
N PRO B 150 21.35 20.23 22.33
CA PRO B 150 21.59 20.18 23.80
C PRO B 150 20.36 20.66 24.59
N MET B 151 19.74 21.80 24.21
CA MET B 151 18.54 22.33 24.88
C MET B 151 17.36 21.40 24.75
N LEU B 152 17.17 20.78 23.56
CA LEU B 152 16.06 19.84 23.34
C LEU B 152 16.21 18.56 24.15
N LYS B 153 17.46 18.06 24.29
CA LYS B 153 17.74 16.87 25.12
C LYS B 153 17.44 17.19 26.60
N GLN B 154 17.75 18.41 27.06
CA GLN B 154 17.45 18.87 28.44
C GLN B 154 15.93 18.89 28.70
N SER B 155 15.15 19.38 27.72
CA SER B 155 13.71 19.51 27.89
C SER B 155 12.88 18.32 27.40
N ASN B 156 13.50 17.28 26.78
CA ASN B 156 12.81 16.15 26.13
C ASN B 156 11.92 16.75 25.02
N GLY B 157 12.49 17.70 24.30
CA GLY B 157 11.84 18.55 23.30
C GLY B 157 11.43 17.92 21.99
N SER B 158 11.14 18.80 21.01
CA SER B 158 10.62 18.42 19.70
C SER B 158 11.16 19.26 18.58
N ILE B 159 11.40 18.62 17.45
CA ILE B 159 11.81 19.25 16.21
C ILE B 159 10.60 19.06 15.27
N VAL B 160 10.14 20.17 14.65
CA VAL B 160 9.02 20.10 13.71
C VAL B 160 9.59 20.58 12.35
N VAL B 161 9.51 19.74 11.36
CA VAL B 161 10.06 20.02 10.03
C VAL B 161 8.91 20.20 9.03
N VAL B 162 8.83 21.40 8.44
CA VAL B 162 7.75 21.70 7.47
C VAL B 162 8.19 21.29 6.05
N SER B 163 7.43 20.35 5.45
CA SER B 163 7.71 19.84 4.10
C SER B 163 6.44 19.86 3.24
N SER B 164 6.45 19.16 2.11
CA SER B 164 5.47 19.35 1.06
C SER B 164 5.14 18.06 0.35
N LEU B 165 4.06 18.07 -0.48
CA LEU B 165 3.73 16.90 -1.30
C LEU B 165 4.92 16.71 -2.25
N ALA B 166 5.62 17.81 -2.63
CA ALA B 166 6.82 17.73 -3.49
C ALA B 166 8.05 17.13 -2.75
N GLY B 167 7.90 16.90 -1.44
CA GLY B 167 8.88 16.23 -0.60
C GLY B 167 8.57 14.74 -0.47
N LYS B 168 7.51 14.25 -1.14
CA LYS B 168 7.07 12.84 -1.09
C LYS B 168 6.85 12.22 -2.45
N VAL B 169 6.58 13.06 -3.44
CA VAL B 169 6.38 12.61 -4.82
C VAL B 169 6.99 13.62 -5.78
N ALA B 170 7.31 13.16 -6.99
CA ALA B 170 7.88 14.03 -8.01
C ALA B 170 6.92 15.16 -8.34
N TYR B 171 7.41 16.39 -8.27
CA TYR B 171 6.62 17.48 -8.96
CA TYR B 171 6.65 17.46 -8.98
C TYR B 171 7.26 18.46 -10.04
N PRO B 172 6.68 18.36 -11.31
CA PRO B 172 7.40 19.13 -12.34
C PRO B 172 7.35 20.64 -12.05
N MET B 173 8.37 21.36 -12.52
CA MET B 173 8.47 22.83 -12.34
C MET B 173 8.99 23.30 -10.98
N VAL B 174 9.23 22.36 -10.04
CA VAL B 174 9.79 22.67 -8.72
C VAL B 174 10.88 21.65 -8.34
N ALA B 175 11.73 21.28 -9.31
CA ALA B 175 12.75 20.25 -9.13
C ALA B 175 13.74 20.49 -7.99
N ALA B 176 14.28 21.72 -7.91
CA ALA B 176 15.25 22.11 -6.87
C ALA B 176 14.58 22.07 -5.51
N TYR B 177 13.34 22.62 -5.40
CA TYR B 177 12.52 22.64 -4.17
C TYR B 177 12.24 21.19 -3.74
N SER B 178 11.76 20.36 -4.69
CA SER B 178 11.47 18.94 -4.48
C SER B 178 12.70 18.21 -3.95
N ALA B 179 13.86 18.39 -4.58
CA ALA B 179 15.13 17.76 -4.13
C ALA B 179 15.42 18.08 -2.64
N SER B 180 15.25 19.36 -2.24
CA SER B 180 15.52 19.81 -0.86
C SER B 180 14.51 19.25 0.16
N LYS B 181 13.25 19.14 -0.22
CA LYS B 181 12.20 18.57 0.66
C LYS B 181 12.35 17.06 0.78
N PHE B 182 12.74 16.38 -0.32
CA PHE B 182 13.05 14.93 -0.24
C PHE B 182 14.24 14.71 0.70
N ALA B 183 15.29 15.58 0.61
CA ALA B 183 16.47 15.49 1.48
C ALA B 183 16.09 15.57 2.98
N LEU B 184 15.18 16.50 3.34
CA LEU B 184 14.66 16.61 4.74
C LEU B 184 14.12 15.30 5.24
N ASP B 185 13.33 14.62 4.38
CA ASP B 185 12.73 13.34 4.73
C ASP B 185 13.80 12.30 5.04
N GLY B 186 14.73 12.12 4.13
CA GLY B 186 15.80 11.14 4.31
C GLY B 186 16.64 11.45 5.53
N PHE B 187 17.03 12.71 5.72
CA PHE B 187 17.84 13.07 6.88
C PHE B 187 17.08 12.89 8.21
N PHE B 188 15.99 13.66 8.38
CA PHE B 188 15.17 13.63 9.61
C PHE B 188 14.57 12.31 9.97
N SER B 189 14.11 11.52 8.99
CA SER B 189 13.57 10.21 9.28
C SER B 189 14.66 9.22 9.70
N SER B 190 15.87 9.32 9.15
CA SER B 190 16.97 8.43 9.52
C SER B 190 17.45 8.75 10.95
N ILE B 191 17.63 10.04 11.29
CA ILE B 191 18.03 10.43 12.64
C ILE B 191 16.90 10.10 13.65
N ARG B 192 15.63 10.11 13.22
CA ARG B 192 14.54 9.72 14.13
C ARG B 192 14.75 8.26 14.58
N LYS B 193 15.13 7.38 13.63
CA LYS B 193 15.39 5.96 13.89
C LYS B 193 16.59 5.81 14.82
N GLU B 194 17.62 6.65 14.63
CA GLU B 194 18.82 6.68 15.47
C GLU B 194 18.44 7.09 16.90
N TYR B 195 17.59 8.12 17.05
CA TYR B 195 17.15 8.62 18.37
C TYR B 195 16.35 7.60 19.17
N SER B 196 15.51 6.79 18.48
CA SER B 196 14.68 5.74 19.07
C SER B 196 15.54 4.65 19.72
N VAL B 197 16.63 4.23 19.04
CA VAL B 197 17.52 3.18 19.54
C VAL B 197 18.56 3.73 20.52
N SER B 198 19.01 4.96 20.32
CA SER B 198 20.00 5.62 21.15
C SER B 198 19.35 6.28 22.38
N ARG B 199 18.01 6.11 22.52
CA ARG B 199 17.18 6.65 23.62
C ARG B 199 17.33 8.18 23.84
N VAL B 200 17.39 8.95 22.73
CA VAL B 200 17.43 10.43 22.74
C VAL B 200 15.94 10.81 22.72
N ASN B 201 15.40 11.35 23.82
CA ASN B 201 13.97 11.66 23.89
C ASN B 201 13.61 13.01 23.27
N VAL B 202 13.97 13.18 21.98
CA VAL B 202 13.67 14.37 21.17
C VAL B 202 12.81 13.88 19.99
N SER B 203 11.55 14.34 19.93
CA SER B 203 10.68 13.86 18.86
C SER B 203 10.97 14.59 17.56
N ILE B 204 10.71 13.91 16.44
CA ILE B 204 10.88 14.51 15.12
C ILE B 204 9.57 14.37 14.34
N THR B 205 8.97 15.53 13.96
CA THR B 205 7.70 15.54 13.22
C THR B 205 7.92 16.13 11.86
N LEU B 206 7.66 15.32 10.80
CA LEU B 206 7.75 15.78 9.42
C LEU B 206 6.30 16.14 8.91
N CYS B 207 6.08 17.38 8.50
CA CYS B 207 4.76 17.86 8.04
C CYS B 207 4.71 17.93 6.53
N VAL B 208 3.77 17.22 5.92
CA VAL B 208 3.67 17.14 4.45
C VAL B 208 2.44 17.91 4.04
N LEU B 209 2.66 19.09 3.47
CA LEU B 209 1.54 19.94 3.10
C LEU B 209 1.30 19.96 1.62
N GLY B 210 0.02 20.08 1.25
CA GLY B 210 -0.36 20.33 -0.14
C GLY B 210 -0.44 21.83 -0.30
N LEU B 211 -1.08 22.33 -1.39
CA LEU B 211 -1.23 23.75 -1.64
C LEU B 211 -1.99 24.48 -0.50
N ILE B 212 -1.36 25.52 0.03
CA ILE B 212 -1.85 26.38 1.11
C ILE B 212 -1.97 27.79 0.57
N ASP B 213 -3.05 28.50 0.95
CA ASP B 213 -3.37 29.85 0.46
C ASP B 213 -2.48 31.01 0.93
N THR B 214 -1.17 30.79 1.06
CA THR B 214 -0.27 31.89 1.42
C THR B 214 -0.10 32.79 0.18
N GLU B 215 0.26 34.05 0.39
CA GLU B 215 0.51 34.99 -0.69
C GLU B 215 1.58 34.46 -1.65
N THR B 216 2.68 33.86 -1.12
CA THR B 216 3.77 33.30 -1.93
C THR B 216 3.29 32.19 -2.88
N ALA B 217 2.62 31.16 -2.32
CA ALA B 217 2.15 30.01 -3.10
C ALA B 217 1.10 30.41 -4.16
N MET B 218 0.16 31.27 -3.76
CA MET B 218 -0.92 31.74 -4.64
C MET B 218 -0.39 32.52 -5.82
N LYS B 219 0.64 33.35 -5.59
CA LYS B 219 1.30 34.09 -6.65
C LYS B 219 2.07 33.10 -7.53
N ALA B 220 2.74 32.10 -6.91
CA ALA B 220 3.55 31.09 -7.61
C ALA B 220 2.73 30.22 -8.56
N VAL B 221 1.52 29.86 -8.15
CA VAL B 221 0.61 29.00 -8.94
C VAL B 221 -0.32 29.82 -9.88
N SER B 222 -0.18 31.16 -9.89
CA SER B 222 -0.93 32.03 -10.80
C SER B 222 -0.42 31.70 -12.20
N GLY B 223 -1.31 31.61 -13.15
CA GLY B 223 -0.90 31.29 -14.50
C GLY B 223 -0.94 29.81 -14.74
N ILE B 224 -1.52 29.08 -13.78
CA ILE B 224 -1.67 27.64 -13.84
C ILE B 224 -3.03 27.23 -13.25
N VAL B 225 -3.64 26.17 -13.81
CA VAL B 225 -4.87 25.58 -13.29
C VAL B 225 -4.45 24.81 -12.03
N HIS B 226 -5.23 24.91 -10.95
CA HIS B 226 -4.90 24.20 -9.72
C HIS B 226 -6.11 23.86 -8.90
N MET B 227 -5.90 22.93 -7.96
CA MET B 227 -6.90 22.47 -7.01
C MET B 227 -7.08 23.54 -5.95
N GLN B 228 -8.07 23.34 -5.08
CA GLN B 228 -8.38 24.21 -3.97
C GLN B 228 -7.19 24.33 -3.01
N ALA B 229 -6.79 25.57 -2.68
CA ALA B 229 -5.74 25.80 -1.69
C ALA B 229 -6.39 25.70 -0.32
N ALA B 230 -5.75 24.97 0.61
CA ALA B 230 -6.24 24.84 1.98
C ALA B 230 -5.95 26.14 2.76
N PRO B 231 -6.71 26.46 3.84
CA PRO B 231 -6.47 27.73 4.56
C PRO B 231 -5.22 27.72 5.45
N LYS B 232 -4.44 28.79 5.39
CA LYS B 232 -3.16 28.87 6.12
C LYS B 232 -3.26 28.81 7.63
N GLU B 233 -4.36 29.35 8.18
CA GLU B 233 -4.56 29.38 9.64
C GLU B 233 -4.75 27.96 10.21
N GLU B 234 -5.62 27.14 9.58
CA GLU B 234 -5.85 25.74 10.01
C GLU B 234 -4.59 24.92 9.78
N CYS B 235 -3.89 25.18 8.66
CA CYS B 235 -2.64 24.49 8.31
C CYS B 235 -1.63 24.65 9.45
N ALA B 236 -1.38 25.92 9.84
CA ALA B 236 -0.44 26.29 10.90
C ALA B 236 -0.83 25.56 12.21
N LEU B 237 -2.15 25.49 12.53
CA LEU B 237 -2.61 24.79 13.74
C LEU B 237 -2.33 23.29 13.70
N GLU B 238 -2.58 22.63 12.55
CA GLU B 238 -2.31 21.19 12.38
C GLU B 238 -0.80 20.86 12.53
N ILE B 239 0.08 21.77 12.10
CA ILE B 239 1.55 21.57 12.26
C ILE B 239 1.90 21.55 13.79
N ILE B 240 1.41 22.54 14.54
CA ILE B 240 1.65 22.65 15.99
C ILE B 240 1.09 21.42 16.72
N LYS B 241 -0.14 21.02 16.36
CA LYS B 241 -0.77 19.84 16.96
C LYS B 241 0.10 18.61 16.81
N GLY B 242 0.56 18.35 15.57
CA GLY B 242 1.41 17.18 15.30
C GLY B 242 2.69 17.17 16.12
N GLY B 243 3.33 18.32 16.20
CA GLY B 243 4.54 18.50 17.01
C GLY B 243 4.25 18.34 18.49
N ALA B 244 3.18 18.99 18.99
CA ALA B 244 2.80 18.88 20.42
C ALA B 244 2.52 17.41 20.81
N LEU B 245 1.90 16.63 19.90
CA LEU B 245 1.56 15.21 20.09
C LEU B 245 2.70 14.25 19.75
N ARG B 246 3.85 14.80 19.36
CA ARG B 246 5.08 14.05 19.04
C ARG B 246 4.82 12.99 17.93
N GLN B 247 4.00 13.34 16.93
CA GLN B 247 3.67 12.41 15.84
C GLN B 247 4.81 12.38 14.86
N GLU B 248 5.01 11.25 14.18
CA GLU B 248 6.08 11.13 13.21
C GLU B 248 5.79 11.99 11.99
N GLU B 249 4.59 11.86 11.41
CA GLU B 249 4.21 12.61 10.22
C GLU B 249 2.85 13.24 10.32
N VAL B 250 2.71 14.43 9.72
CA VAL B 250 1.48 15.16 9.59
C VAL B 250 1.24 15.36 8.10
N TYR B 251 0.02 15.10 7.64
CA TYR B 251 -0.37 15.32 6.26
C TYR B 251 -1.52 16.28 6.28
N TYR B 252 -1.46 17.32 5.45
CA TYR B 252 -2.53 18.32 5.43
C TYR B 252 -2.70 18.84 4.01
N ASP B 253 -3.85 18.56 3.41
CA ASP B 253 -4.19 18.97 2.05
C ASP B 253 -5.69 19.13 1.98
N SER B 254 -6.19 19.97 1.01
CA SER B 254 -7.63 20.18 0.79
C SER B 254 -8.37 18.87 0.57
N SER B 255 -7.73 17.92 -0.11
CA SER B 255 -8.30 16.62 -0.39
C SER B 255 -8.08 15.65 0.75
N LEU B 256 -9.17 15.04 1.23
CA LEU B 256 -9.11 14.01 2.26
C LEU B 256 -8.50 12.74 1.67
N TRP B 257 -8.68 12.52 0.36
CA TRP B 257 -8.14 11.35 -0.35
C TRP B 257 -6.60 11.46 -0.37
N THR B 258 -6.06 12.64 -0.76
CA THR B 258 -4.61 12.89 -0.76
C THR B 258 -4.07 12.76 0.65
N THR B 259 -4.69 13.45 1.64
CA THR B 259 -4.25 13.45 3.03
C THR B 259 -4.10 12.03 3.60
N LEU B 260 -5.07 11.18 3.32
CA LEU B 260 -5.06 9.85 3.94
C LEU B 260 -4.27 8.81 3.17
N LEU B 261 -4.25 8.91 1.85
CA LEU B 261 -3.65 7.89 1.01
C LEU B 261 -2.21 8.10 0.63
N ILE B 262 -1.67 9.32 0.80
CA ILE B 262 -0.25 9.58 0.50
C ILE B 262 0.67 8.96 1.57
N ARG B 263 0.18 8.82 2.82
CA ARG B 263 0.90 8.17 3.93
C ARG B 263 1.31 6.76 3.43
N ASN B 264 2.54 6.31 3.76
CA ASN B 264 3.13 5.09 3.22
C ASN B 264 3.40 3.99 4.25
N PRO B 265 2.40 3.14 4.55
CA PRO B 265 2.64 2.00 5.46
C PRO B 265 3.64 0.97 4.92
N SER B 266 3.78 0.81 3.59
CA SER B 266 4.75 -0.15 3.00
C SER B 266 6.18 0.20 3.39
N ARG B 267 6.49 1.50 3.35
CA ARG B 267 7.81 2.00 3.76
C ARG B 267 8.03 1.68 5.23
N LYS B 268 7.03 1.92 6.10
CA LYS B 268 7.16 1.59 7.53
C LYS B 268 7.46 0.09 7.74
N ILE B 269 6.78 -0.79 6.97
CA ILE B 269 7.03 -2.24 7.03
C ILE B 269 8.50 -2.53 6.66
N LEU B 270 8.99 -1.96 5.54
CA LEU B 270 10.37 -2.18 5.09
C LEU B 270 11.40 -1.71 6.10
N GLU B 271 11.17 -0.51 6.70
CA GLU B 271 12.05 0.03 7.73
C GLU B 271 12.15 -0.94 8.92
N PHE B 272 11.02 -1.55 9.32
CA PHE B 272 10.99 -2.55 10.39
C PHE B 272 11.79 -3.80 10.00
N LEU B 273 11.54 -4.36 8.80
CA LEU B 273 12.28 -5.51 8.26
C LEU B 273 13.81 -5.29 8.25
N TYR B 274 14.27 -4.16 7.68
CA TYR B 274 15.71 -3.87 7.62
C TYR B 274 16.34 -3.65 8.99
N SER B 275 15.57 -3.16 9.98
CA SER B 275 16.04 -2.94 11.34
C SER B 275 16.48 -4.22 12.06
N THR B 276 15.85 -5.35 11.73
CA THR B 276 16.14 -6.65 12.35
C THR B 276 17.47 -7.22 11.90
N SER B 277 17.98 -6.75 10.74
CA SER B 277 19.24 -7.17 10.16
C SER B 277 20.50 -6.46 10.70
N TYR B 278 20.33 -5.54 11.65
CA TYR B 278 21.48 -4.85 12.24
C TYR B 278 21.45 -4.76 13.76
N ASN B 279 22.58 -4.35 14.36
CA ASN B 279 22.76 -4.16 15.80
C ASN B 279 23.34 -2.77 16.08
N GLN C 15 -16.07 0.67 17.67
CA GLN C 15 -15.67 1.49 18.82
C GLN C 15 -15.18 0.60 19.99
N PRO C 16 -13.87 0.22 20.01
CA PRO C 16 -13.38 -0.66 21.09
C PRO C 16 -13.21 0.02 22.45
N LEU C 17 -13.37 -0.77 23.54
CA LEU C 17 -13.20 -0.31 24.92
C LEU C 17 -11.73 -0.01 25.17
N ASN C 18 -11.38 1.26 25.45
CA ASN C 18 -10.00 1.64 25.72
C ASN C 18 -9.57 1.41 27.16
N GLU C 19 -9.63 0.13 27.54
CA GLU C 19 -9.28 -0.42 28.85
C GLU C 19 -8.40 -1.64 28.59
N GLU C 20 -7.60 -2.00 29.60
CA GLU C 20 -6.77 -3.20 29.61
C GLU C 20 -7.75 -4.35 29.87
N PHE C 21 -7.48 -5.54 29.31
CA PHE C 21 -8.33 -6.71 29.58
C PHE C 21 -8.17 -7.13 31.04
N ARG C 22 -9.28 -7.53 31.68
CA ARG C 22 -9.33 -8.08 33.04
C ARG C 22 -10.27 -9.30 32.99
N PRO C 23 -9.91 -10.47 33.58
CA PRO C 23 -10.83 -11.63 33.54
C PRO C 23 -12.23 -11.39 34.11
N GLU C 24 -12.38 -10.40 35.03
CA GLU C 24 -13.67 -10.03 35.65
C GLU C 24 -14.68 -9.49 34.62
N MET C 25 -14.21 -9.08 33.41
CA MET C 25 -15.08 -8.61 32.33
C MET C 25 -16.05 -9.73 31.88
N LEU C 26 -15.67 -10.99 32.07
CA LEU C 26 -16.49 -12.15 31.70
C LEU C 26 -17.26 -12.77 32.87
N GLN C 27 -17.03 -12.27 34.11
CA GLN C 27 -17.72 -12.80 35.29
C GLN C 27 -19.22 -12.60 35.19
N GLY C 28 -19.95 -13.71 35.20
CA GLY C 28 -21.40 -13.71 35.10
C GLY C 28 -21.95 -13.38 33.73
N LYS C 29 -21.06 -13.28 32.71
CA LYS C 29 -21.52 -12.99 31.34
C LYS C 29 -22.10 -14.28 30.73
N LYS C 30 -23.12 -14.13 29.89
CA LYS C 30 -23.84 -15.25 29.30
C LYS C 30 -23.29 -15.45 27.88
N VAL C 31 -22.52 -16.51 27.72
CA VAL C 31 -21.78 -16.76 26.47
C VAL C 31 -22.13 -18.08 25.78
N ILE C 32 -22.32 -18.03 24.45
CA ILE C 32 -22.49 -19.21 23.60
C ILE C 32 -21.14 -19.44 22.93
N VAL C 33 -20.68 -20.70 22.90
CA VAL C 33 -19.47 -21.09 22.18
C VAL C 33 -19.89 -22.24 21.27
N THR C 34 -19.72 -22.10 19.95
CA THR C 34 -20.04 -23.16 18.99
C THR C 34 -18.73 -23.89 18.65
N GLY C 35 -18.83 -25.11 18.13
CA GLY C 35 -17.64 -25.93 17.87
C GLY C 35 -16.81 -26.10 19.14
N ALA C 36 -17.48 -26.26 20.31
CA ALA C 36 -16.79 -26.28 21.60
C ALA C 36 -16.51 -27.60 22.26
N SER C 37 -16.65 -28.72 21.53
CA SER C 37 -16.36 -30.06 22.07
C SER C 37 -14.87 -30.40 22.01
N LYS C 38 -14.12 -29.69 21.16
CA LYS C 38 -12.68 -29.92 20.99
C LYS C 38 -11.97 -28.67 20.48
N GLY C 39 -10.63 -28.74 20.46
CA GLY C 39 -9.73 -27.70 19.95
C GLY C 39 -9.88 -26.35 20.58
N ILE C 40 -9.88 -25.28 19.73
CA ILE C 40 -9.99 -23.88 20.18
C ILE C 40 -11.29 -23.60 20.93
N GLY C 41 -12.40 -24.14 20.43
CA GLY C 41 -13.71 -23.94 21.04
C GLY C 41 -13.75 -24.45 22.46
N ARG C 42 -13.22 -25.66 22.68
CA ARG C 42 -13.13 -26.26 24.01
C ARG C 42 -12.25 -25.39 24.92
N GLU C 43 -11.11 -24.90 24.39
CA GLU C 43 -10.20 -24.02 25.12
C GLU C 43 -10.89 -22.70 25.50
N MET C 44 -11.74 -22.15 24.62
CA MET C 44 -12.49 -20.94 24.97
C MET C 44 -13.48 -21.21 26.10
N ALA C 45 -14.21 -22.33 26.02
CA ALA C 45 -15.18 -22.76 27.03
C ALA C 45 -14.51 -22.81 28.42
N TYR C 46 -13.28 -23.39 28.49
CA TYR C 46 -12.45 -23.52 29.71
C TYR C 46 -11.99 -22.16 30.26
N HIS C 47 -11.56 -21.22 29.37
CA HIS C 47 -11.14 -19.89 29.81
C HIS C 47 -12.30 -19.12 30.38
N LEU C 48 -13.47 -19.21 29.72
CA LEU C 48 -14.70 -18.56 30.18
C LEU C 48 -15.15 -19.12 31.53
N ALA C 49 -14.99 -20.43 31.72
CA ALA C 49 -15.32 -21.13 32.97
C ALA C 49 -14.44 -20.60 34.12
N LYS C 50 -13.10 -20.52 33.89
CA LYS C 50 -12.13 -19.98 34.86
C LYS C 50 -12.48 -18.53 35.24
N MET C 51 -13.10 -17.78 34.30
CA MET C 51 -13.51 -16.39 34.53
C MET C 51 -14.89 -16.29 35.21
N GLY C 52 -15.55 -17.42 35.45
CA GLY C 52 -16.85 -17.44 36.12
C GLY C 52 -18.03 -17.00 35.26
N ALA C 53 -17.97 -17.28 33.96
CA ALA C 53 -19.06 -16.94 33.05
C ALA C 53 -20.09 -18.07 33.06
N HIS C 54 -21.29 -17.79 32.52
CA HIS C 54 -22.36 -18.77 32.24
C HIS C 54 -22.07 -19.18 30.81
N VAL C 55 -21.91 -20.49 30.56
CA VAL C 55 -21.56 -20.97 29.23
C VAL C 55 -22.57 -21.97 28.69
N VAL C 56 -22.90 -21.83 27.40
CA VAL C 56 -23.68 -22.84 26.69
C VAL C 56 -22.80 -23.24 25.51
N VAL C 57 -22.44 -24.53 25.45
CA VAL C 57 -21.55 -25.05 24.39
C VAL C 57 -22.34 -25.91 23.41
N THR C 58 -21.87 -25.99 22.16
CA THR C 58 -22.52 -26.81 21.14
C THR C 58 -21.50 -27.42 20.20
N ALA C 59 -21.89 -28.53 19.56
CA ALA C 59 -21.15 -29.37 18.61
C ALA C 59 -22.11 -30.53 18.34
N ARG C 60 -21.72 -31.48 17.48
CA ARG C 60 -22.61 -32.62 17.18
C ARG C 60 -22.60 -33.69 18.27
N SER C 61 -21.43 -33.91 18.90
CA SER C 61 -21.17 -35.01 19.81
C SER C 61 -21.51 -34.78 21.27
N LYS C 62 -22.59 -35.44 21.74
CA LYS C 62 -23.01 -35.29 23.12
C LYS C 62 -21.96 -35.80 24.13
N GLU C 63 -21.28 -36.92 23.81
CA GLU C 63 -20.29 -37.55 24.69
C GLU C 63 -19.13 -36.63 25.01
N THR C 64 -18.57 -35.95 23.99
CA THR C 64 -17.46 -35.01 24.22
C THR C 64 -17.96 -33.75 24.88
N LEU C 65 -19.15 -33.26 24.48
CA LEU C 65 -19.73 -32.06 25.11
C LEU C 65 -19.98 -32.28 26.61
N GLN C 66 -20.40 -33.51 27.00
CA GLN C 66 -20.63 -33.83 28.42
C GLN C 66 -19.35 -33.62 29.24
N LYS C 67 -18.20 -34.08 28.71
CA LYS C 67 -16.89 -33.93 29.40
C LYS C 67 -16.47 -32.48 29.46
N VAL C 68 -16.77 -31.68 28.42
CA VAL C 68 -16.41 -30.25 28.41
C VAL C 68 -17.19 -29.53 29.50
N VAL C 69 -18.52 -29.78 29.58
CA VAL C 69 -19.43 -29.19 30.57
C VAL C 69 -18.96 -29.51 32.01
N SER C 70 -18.67 -30.79 32.28
CA SER C 70 -18.21 -31.22 33.60
C SER C 70 -16.93 -30.49 33.99
N HIS C 71 -15.94 -30.43 33.07
CA HIS C 71 -14.70 -29.71 33.33
C HIS C 71 -14.90 -28.19 33.53
N CYS C 72 -15.85 -27.57 32.77
CA CYS C 72 -16.19 -26.15 32.95
C CYS C 72 -16.68 -25.88 34.38
N LEU C 73 -17.57 -26.75 34.90
CA LEU C 73 -18.08 -26.60 36.28
C LEU C 73 -16.94 -26.74 37.30
N GLU C 74 -16.01 -27.68 37.09
CA GLU C 74 -14.84 -27.91 37.96
C GLU C 74 -13.94 -26.68 37.95
N LEU C 75 -13.84 -25.99 36.80
CA LEU C 75 -12.98 -24.80 36.62
C LEU C 75 -13.53 -23.52 37.26
N GLY C 76 -14.81 -23.54 37.64
CA GLY C 76 -15.47 -22.42 38.28
C GLY C 76 -16.54 -21.69 37.47
N ALA C 77 -17.10 -22.33 36.43
CA ALA C 77 -18.15 -21.70 35.64
C ALA C 77 -19.37 -21.40 36.49
N ALA C 78 -20.00 -20.22 36.32
CA ALA C 78 -21.23 -19.81 37.02
C ALA C 78 -22.34 -20.85 36.69
N SER C 79 -22.35 -21.36 35.45
CA SER C 79 -23.17 -22.45 34.90
C SER C 79 -22.54 -22.97 33.60
N ALA C 80 -22.77 -24.27 33.28
CA ALA C 80 -22.26 -24.86 32.03
C ALA C 80 -23.25 -25.92 31.56
N HIS C 81 -23.73 -25.80 30.31
CA HIS C 81 -24.68 -26.74 29.70
C HIS C 81 -24.34 -26.90 28.25
N TYR C 82 -24.80 -28.01 27.65
CA TYR C 82 -24.57 -28.25 26.23
C TYR C 82 -25.90 -28.49 25.54
N ILE C 83 -25.93 -28.23 24.25
CA ILE C 83 -27.05 -28.52 23.36
C ILE C 83 -26.38 -29.08 22.11
N ALA C 84 -26.60 -30.36 21.80
CA ALA C 84 -25.96 -31.03 20.67
C ALA C 84 -26.78 -30.96 19.40
N GLY C 85 -26.10 -30.75 18.28
CA GLY C 85 -26.75 -30.73 16.98
C GLY C 85 -25.78 -30.40 15.87
N THR C 86 -26.25 -30.50 14.63
CA THR C 86 -25.45 -30.17 13.44
C THR C 86 -25.82 -28.79 12.90
N MET C 87 -24.78 -28.01 12.58
CA MET C 87 -24.96 -26.66 12.02
C MET C 87 -25.21 -26.72 10.53
N GLU C 88 -25.36 -27.95 10.00
CA GLU C 88 -25.80 -28.20 8.65
C GLU C 88 -27.31 -27.92 8.64
N ASP C 89 -27.94 -28.08 9.81
CA ASP C 89 -29.38 -27.88 9.99
C ASP C 89 -29.66 -26.47 10.49
N MET C 90 -30.20 -25.62 9.61
CA MET C 90 -30.48 -24.21 9.93
C MET C 90 -31.62 -24.07 10.95
N THR C 91 -32.55 -25.06 11.02
CA THR C 91 -33.64 -25.03 12.01
C THR C 91 -33.03 -25.26 13.41
N PHE C 92 -32.09 -26.21 13.49
CA PHE C 92 -31.37 -26.48 14.73
C PHE C 92 -30.61 -25.21 15.14
N ALA C 93 -29.91 -24.58 14.19
CA ALA C 93 -29.11 -23.37 14.50
C ALA C 93 -29.97 -22.27 15.16
N GLU C 94 -31.12 -21.97 14.57
CA GLU C 94 -32.03 -20.94 15.05
C GLU C 94 -32.65 -21.33 16.42
N GLN C 95 -33.12 -22.59 16.54
CA GLN C 95 -33.69 -23.09 17.80
C GLN C 95 -32.68 -23.19 18.92
N PHE C 96 -31.43 -23.61 18.59
CA PHE C 96 -30.34 -23.66 19.57
C PHE C 96 -30.14 -22.29 20.25
N VAL C 97 -30.09 -21.18 19.48
CA VAL C 97 -29.89 -19.84 20.09
C VAL C 97 -31.05 -19.48 21.05
N ALA C 98 -32.31 -19.71 20.63
CA ALA C 98 -33.49 -19.43 21.45
C ALA C 98 -33.41 -20.20 22.77
N GLN C 99 -33.05 -21.50 22.69
CA GLN C 99 -32.94 -22.41 23.82
C GLN C 99 -31.84 -22.02 24.78
N ALA C 100 -30.62 -21.76 24.25
CA ALA C 100 -29.46 -21.35 25.05
C ALA C 100 -29.70 -20.02 25.78
N GLY C 101 -30.33 -19.08 25.10
CA GLY C 101 -30.65 -17.76 25.67
C GLY C 101 -31.76 -17.80 26.70
N LYS C 102 -32.79 -18.63 26.48
CA LYS C 102 -33.90 -18.79 27.44
C LYS C 102 -33.36 -19.44 28.70
N LEU C 103 -32.44 -20.41 28.56
CA LEU C 103 -31.83 -21.08 29.71
C LEU C 103 -30.97 -20.13 30.55
N MET C 104 -30.11 -19.34 29.92
CA MET C 104 -29.22 -18.43 30.67
C MET C 104 -29.91 -17.15 31.13
N GLY C 105 -31.07 -16.86 30.55
CA GLY C 105 -31.85 -15.66 30.82
C GLY C 105 -31.34 -14.46 30.04
N GLY C 106 -30.70 -14.73 28.90
CA GLY C 106 -30.14 -13.71 28.03
C GLY C 106 -28.86 -14.16 27.35
N LEU C 107 -28.19 -13.22 26.66
CA LEU C 107 -26.95 -13.51 25.92
C LEU C 107 -26.10 -12.25 25.83
N ASP C 108 -24.84 -12.32 26.26
CA ASP C 108 -23.88 -11.20 26.21
C ASP C 108 -22.85 -11.36 25.10
N MET C 109 -22.52 -12.61 24.76
CA MET C 109 -21.53 -12.88 23.74
C MET C 109 -21.83 -14.15 22.96
N LEU C 110 -21.77 -14.05 21.62
CA LEU C 110 -21.97 -15.17 20.71
C LEU C 110 -20.62 -15.45 20.05
N ILE C 111 -19.99 -16.60 20.38
CA ILE C 111 -18.70 -16.99 19.81
C ILE C 111 -18.96 -18.05 18.74
N LEU C 112 -18.73 -17.67 17.47
CA LEU C 112 -18.97 -18.51 16.29
C LEU C 112 -17.66 -19.11 15.82
N ASN C 113 -17.48 -20.40 16.14
CA ASN C 113 -16.21 -21.08 15.95
C ASN C 113 -16.23 -22.39 15.13
N HIS C 114 -17.37 -23.10 15.08
CA HIS C 114 -17.46 -24.36 14.33
C HIS C 114 -17.16 -24.26 12.83
N ILE C 115 -16.65 -25.36 12.26
CA ILE C 115 -16.42 -25.53 10.82
C ILE C 115 -16.79 -26.94 10.47
N THR C 116 -17.02 -27.21 9.19
CA THR C 116 -17.30 -28.55 8.71
C THR C 116 -15.96 -29.25 8.64
N ASN C 117 -15.93 -30.60 8.79
CA ASN C 117 -14.65 -31.35 8.72
C ASN C 117 -13.99 -31.10 7.37
N THR C 118 -12.70 -30.75 7.39
CA THR C 118 -11.92 -30.38 6.21
C THR C 118 -10.51 -30.87 6.32
N SER C 119 -10.02 -31.43 5.24
CA SER C 119 -8.66 -31.94 5.15
C SER C 119 -7.97 -31.17 4.03
N LEU C 120 -6.63 -31.26 3.94
CA LEU C 120 -5.90 -30.56 2.89
C LEU C 120 -5.92 -31.42 1.67
N ASN C 121 -6.44 -30.88 0.58
CA ASN C 121 -6.53 -31.57 -0.72
C ASN C 121 -6.66 -30.52 -1.79
N LEU C 122 -6.21 -30.83 -3.01
CA LEU C 122 -6.40 -29.93 -4.14
C LEU C 122 -7.88 -29.97 -4.47
N PHE C 123 -8.44 -28.88 -5.02
CA PHE C 123 -9.85 -28.89 -5.42
C PHE C 123 -9.95 -29.90 -6.55
N HIS C 124 -10.89 -30.86 -6.42
CA HIS C 124 -11.03 -31.96 -7.37
C HIS C 124 -12.49 -32.24 -7.76
N ASP C 125 -13.21 -31.19 -8.25
CA ASP C 125 -14.62 -31.27 -8.68
C ASP C 125 -15.63 -31.59 -7.56
N ASP C 126 -15.17 -31.51 -6.32
CA ASP C 126 -15.96 -31.76 -5.13
C ASP C 126 -16.79 -30.54 -4.75
N ILE C 127 -17.77 -30.23 -5.60
CA ILE C 127 -18.71 -29.11 -5.39
C ILE C 127 -19.48 -29.29 -4.09
N HIS C 128 -19.79 -30.57 -3.75
CA HIS C 128 -20.48 -30.89 -2.50
C HIS C 128 -19.72 -30.34 -1.30
N HIS C 129 -18.38 -30.36 -1.35
CA HIS C 129 -17.54 -29.86 -0.24
C HIS C 129 -17.58 -28.33 -0.21
N VAL C 130 -17.61 -27.69 -1.40
CA VAL C 130 -17.70 -26.23 -1.50
C VAL C 130 -19.02 -25.78 -0.87
N ARG C 131 -20.11 -26.47 -1.24
CA ARG C 131 -21.43 -26.13 -0.73
C ARG C 131 -21.57 -26.40 0.74
N LYS C 132 -21.08 -27.56 1.24
CA LYS C 132 -21.17 -27.82 2.68
C LYS C 132 -20.35 -26.82 3.49
N SER C 133 -19.16 -26.45 3.00
CA SER C 133 -18.31 -25.45 3.67
C SER C 133 -19.01 -24.10 3.71
N MET C 134 -19.69 -23.72 2.61
CA MET C 134 -20.42 -22.46 2.63
C MET C 134 -21.63 -22.49 3.58
N GLU C 135 -22.33 -23.62 3.64
CA GLU C 135 -23.51 -23.73 4.50
C GLU C 135 -23.16 -23.72 5.97
N VAL C 136 -22.19 -24.55 6.35
CA VAL C 136 -21.75 -24.72 7.74
C VAL C 136 -20.85 -23.58 8.24
N ASN C 137 -19.79 -23.29 7.51
CA ASN C 137 -18.82 -22.29 7.97
C ASN C 137 -19.28 -20.85 7.85
N PHE C 138 -20.24 -20.60 6.94
CA PHE C 138 -20.71 -19.25 6.67
C PHE C 138 -22.21 -19.05 6.95
N LEU C 139 -23.10 -19.69 6.17
CA LEU C 139 -24.55 -19.48 6.29
C LEU C 139 -25.10 -19.73 7.69
N SER C 140 -24.64 -20.80 8.38
CA SER C 140 -25.10 -21.05 9.75
C SER C 140 -24.66 -19.93 10.70
N TYR C 141 -23.50 -19.30 10.45
CA TYR C 141 -23.07 -18.16 11.27
C TYR C 141 -24.04 -16.99 11.11
N VAL C 142 -24.54 -16.77 9.89
CA VAL C 142 -25.55 -15.70 9.63
C VAL C 142 -26.89 -16.04 10.37
N VAL C 143 -27.36 -17.31 10.26
CA VAL C 143 -28.58 -17.79 10.93
C VAL C 143 -28.44 -17.63 12.45
N LEU C 144 -27.27 -17.98 12.99
CA LEU C 144 -27.00 -17.84 14.44
C LEU C 144 -27.02 -16.37 14.88
N THR C 145 -26.49 -15.48 14.02
CA THR C 145 -26.44 -14.04 14.28
C THR C 145 -27.85 -13.46 14.30
N VAL C 146 -28.66 -13.76 13.27
CA VAL C 146 -30.05 -13.28 13.19
C VAL C 146 -30.83 -13.72 14.44
N ALA C 147 -30.68 -14.99 14.85
CA ALA C 147 -31.36 -15.55 16.04
C ALA C 147 -30.93 -14.87 17.35
N ALA C 148 -29.64 -14.56 17.47
CA ALA C 148 -29.04 -13.95 18.67
C ALA C 148 -29.19 -12.45 18.75
N LEU C 149 -29.36 -11.75 17.61
CA LEU C 149 -29.40 -10.29 17.59
C LEU C 149 -30.36 -9.61 18.60
N PRO C 150 -31.64 -10.02 18.75
CA PRO C 150 -32.50 -9.37 19.77
C PRO C 150 -31.94 -9.40 21.19
N MET C 151 -31.40 -10.54 21.64
CA MET C 151 -30.81 -10.63 22.99
C MET C 151 -29.54 -9.82 23.09
N LEU C 152 -28.70 -9.84 22.02
CA LEU C 152 -27.45 -9.07 22.00
C LEU C 152 -27.72 -7.55 22.02
N LYS C 153 -28.80 -7.08 21.35
CA LYS C 153 -29.19 -5.66 21.34
C LYS C 153 -29.59 -5.22 22.77
N GLN C 154 -30.30 -6.11 23.50
CA GLN C 154 -30.74 -5.89 24.89
C GLN C 154 -29.53 -5.75 25.85
N SER C 155 -28.46 -6.51 25.60
CA SER C 155 -27.29 -6.48 26.49
C SER C 155 -26.11 -5.64 25.96
N ASN C 156 -26.27 -5.00 24.77
CA ASN C 156 -25.18 -4.26 24.11
C ASN C 156 -24.00 -5.26 23.98
N GLY C 157 -24.36 -6.49 23.59
CA GLY C 157 -23.45 -7.62 23.50
C GLY C 157 -22.44 -7.60 22.37
N SER C 158 -21.83 -8.78 22.12
CA SER C 158 -20.77 -8.97 21.14
C SER C 158 -20.90 -10.27 20.33
N ILE C 159 -20.52 -10.18 19.03
CA ILE C 159 -20.44 -11.32 18.09
C ILE C 159 -18.93 -11.50 17.84
N VAL C 160 -18.44 -12.73 18.03
CA VAL C 160 -17.04 -13.07 17.78
C VAL C 160 -17.03 -14.13 16.68
N VAL C 161 -16.37 -13.80 15.56
CA VAL C 161 -16.29 -14.68 14.38
C VAL C 161 -14.87 -15.18 14.26
N VAL C 162 -14.69 -16.51 14.30
CA VAL C 162 -13.37 -17.12 14.21
C VAL C 162 -13.03 -17.40 12.73
N SER C 163 -11.95 -16.77 12.24
CA SER C 163 -11.50 -16.91 10.87
C SER C 163 -10.03 -17.29 10.81
N SER C 164 -9.43 -17.14 9.62
CA SER C 164 -8.13 -17.68 9.32
C SER C 164 -7.32 -16.83 8.38
N LEU C 165 -6.03 -17.15 8.25
CA LEU C 165 -5.14 -16.51 7.29
C LEU C 165 -5.71 -16.79 5.90
N ALA C 166 -6.25 -18.03 5.67
CA ALA C 166 -6.90 -18.43 4.42
C ALA C 166 -8.21 -17.61 4.19
N GLY C 167 -8.63 -16.82 5.19
CA GLY C 167 -9.78 -15.90 5.12
C GLY C 167 -9.38 -14.48 4.75
N LYS C 168 -8.08 -14.25 4.46
CA LYS C 168 -7.52 -12.93 4.11
C LYS C 168 -6.60 -12.98 2.88
N VAL C 169 -5.96 -14.13 2.65
CA VAL C 169 -5.02 -14.37 1.54
C VAL C 169 -5.33 -15.74 0.93
N ALA C 170 -4.93 -15.95 -0.34
CA ALA C 170 -5.13 -17.22 -1.04
C ALA C 170 -4.14 -18.27 -0.52
N TYR C 171 -4.59 -19.51 -0.39
CA TYR C 171 -3.81 -20.60 0.16
C TYR C 171 -4.16 -21.84 -0.69
N PRO C 172 -3.23 -22.53 -1.38
CA PRO C 172 -3.64 -23.76 -2.08
C PRO C 172 -4.06 -24.83 -1.06
N MET C 173 -4.89 -25.80 -1.49
CA MET C 173 -5.35 -26.96 -0.69
C MET C 173 -6.48 -26.73 0.31
N VAL C 174 -6.95 -25.47 0.43
CA VAL C 174 -8.06 -25.10 1.30
C VAL C 174 -9.04 -24.15 0.56
N ALA C 175 -9.26 -24.34 -0.74
CA ALA C 175 -10.11 -23.48 -1.59
C ALA C 175 -11.53 -23.29 -1.09
N ALA C 176 -12.24 -24.40 -0.78
CA ALA C 176 -13.62 -24.34 -0.25
C ALA C 176 -13.64 -23.66 1.13
N TYR C 177 -12.66 -24.01 1.96
CA TYR C 177 -12.49 -23.44 3.29
C TYR C 177 -12.22 -21.92 3.18
N SER C 178 -11.30 -21.52 2.27
CA SER C 178 -10.89 -20.13 2.01
C SER C 178 -12.09 -19.31 1.56
N ALA C 179 -12.89 -19.87 0.64
CA ALA C 179 -14.10 -19.20 0.14
C ALA C 179 -15.04 -18.83 1.28
N SER C 180 -15.25 -19.76 2.22
CA SER C 180 -16.17 -19.57 3.33
C SER C 180 -15.65 -18.56 4.35
N LYS C 181 -14.34 -18.55 4.63
CA LYS C 181 -13.71 -17.60 5.55
C LYS C 181 -13.69 -16.17 4.96
N PHE C 182 -13.42 -16.05 3.66
CA PHE C 182 -13.46 -14.76 2.92
C PHE C 182 -14.90 -14.25 2.99
N ALA C 183 -15.91 -15.12 2.76
CA ALA C 183 -17.34 -14.75 2.88
C ALA C 183 -17.66 -14.14 4.25
N LEU C 184 -17.11 -14.72 5.36
CA LEU C 184 -17.33 -14.20 6.72
C LEU C 184 -16.83 -12.75 6.84
N ASP C 185 -15.68 -12.47 6.24
CA ASP C 185 -15.09 -11.13 6.25
C ASP C 185 -16.03 -10.13 5.52
N GLY C 186 -16.37 -10.42 4.25
CA GLY C 186 -17.29 -9.57 3.49
C GLY C 186 -18.59 -9.31 4.21
N PHE C 187 -19.24 -10.38 4.71
CA PHE C 187 -20.51 -10.27 5.42
C PHE C 187 -20.44 -9.54 6.74
N PHE C 188 -19.63 -10.05 7.69
CA PHE C 188 -19.53 -9.46 9.03
C PHE C 188 -18.92 -8.07 9.05
N SER C 189 -17.95 -7.81 8.17
CA SER C 189 -17.36 -6.46 8.13
C SER C 189 -18.35 -5.46 7.50
N SER C 190 -19.22 -5.89 6.55
CA SER C 190 -20.20 -4.97 5.95
C SER C 190 -21.32 -4.67 6.93
N ILE C 191 -21.82 -5.68 7.67
CA ILE C 191 -22.86 -5.40 8.69
C ILE C 191 -22.34 -4.57 9.87
N ARG C 192 -21.04 -4.67 10.21
CA ARG C 192 -20.44 -3.85 11.29
C ARG C 192 -20.59 -2.36 10.91
N LYS C 193 -20.31 -2.03 9.64
CA LYS C 193 -20.46 -0.68 9.11
C LYS C 193 -21.93 -0.26 9.16
N GLU C 194 -22.88 -1.17 8.83
CA GLU C 194 -24.32 -0.88 8.91
C GLU C 194 -24.73 -0.62 10.34
N TYR C 195 -24.23 -1.44 11.28
CA TYR C 195 -24.56 -1.30 12.71
C TYR C 195 -24.07 0.03 13.25
N SER C 196 -22.88 0.46 12.80
CA SER C 196 -22.25 1.72 13.20
C SER C 196 -23.17 2.91 12.91
N VAL C 197 -23.77 2.95 11.70
CA VAL C 197 -24.67 4.05 11.30
C VAL C 197 -26.10 3.90 11.83
N SER C 198 -26.60 2.65 12.01
CA SER C 198 -27.95 2.36 12.53
C SER C 198 -28.00 2.39 14.07
N ARG C 199 -26.82 2.67 14.69
CA ARG C 199 -26.59 2.74 16.13
C ARG C 199 -26.92 1.43 16.88
N VAL C 200 -26.66 0.27 16.23
CA VAL C 200 -26.83 -1.06 16.82
C VAL C 200 -25.56 -1.31 17.65
N ASN C 201 -25.69 -1.23 18.97
CA ASN C 201 -24.54 -1.37 19.88
C ASN C 201 -24.16 -2.83 20.16
N VAL C 202 -23.91 -3.58 19.08
CA VAL C 202 -23.48 -4.96 19.13
C VAL C 202 -22.17 -5.02 18.37
N SER C 203 -21.06 -5.31 19.09
CA SER C 203 -19.75 -5.36 18.45
C SER C 203 -19.55 -6.64 17.69
N ILE C 204 -18.68 -6.58 16.67
CA ILE C 204 -18.33 -7.66 15.77
C ILE C 204 -16.81 -7.74 15.74
N THR C 205 -16.26 -8.88 16.17
CA THR C 205 -14.81 -9.12 16.21
C THR C 205 -14.49 -10.26 15.26
N LEU C 206 -13.70 -9.97 14.20
CA LEU C 206 -13.24 -10.98 13.25
C LEU C 206 -11.84 -11.42 13.67
N CYS C 207 -11.66 -12.71 13.99
CA CYS C 207 -10.37 -13.22 14.44
C CYS C 207 -9.67 -13.88 13.30
N VAL C 208 -8.46 -13.45 13.00
CA VAL C 208 -7.70 -13.98 11.88
C VAL C 208 -6.59 -14.79 12.51
N LEU C 209 -6.75 -16.13 12.47
CA LEU C 209 -5.81 -17.05 13.10
C LEU C 209 -4.91 -17.71 12.10
N GLY C 210 -3.67 -17.92 12.51
CA GLY C 210 -2.69 -18.69 11.75
C GLY C 210 -2.75 -20.13 12.23
N LEU C 211 -1.76 -20.97 11.89
CA LEU C 211 -1.73 -22.38 12.32
C LEU C 211 -1.71 -22.53 13.86
N ILE C 212 -2.71 -23.25 14.42
CA ILE C 212 -2.86 -23.47 15.87
C ILE C 212 -2.67 -24.95 16.14
N ASP C 213 -2.04 -25.31 17.29
CA ASP C 213 -1.76 -26.71 17.62
C ASP C 213 -2.95 -27.58 18.02
N THR C 214 -4.11 -27.46 17.33
CA THR C 214 -5.25 -28.32 17.66
C THR C 214 -5.01 -29.69 17.06
N GLU C 215 -5.62 -30.73 17.65
CA GLU C 215 -5.52 -32.10 17.12
C GLU C 215 -5.90 -32.16 15.63
N THR C 216 -7.02 -31.50 15.25
CA THR C 216 -7.47 -31.42 13.85
C THR C 216 -6.40 -30.83 12.92
N ALA C 217 -5.85 -29.64 13.25
CA ALA C 217 -4.86 -28.96 12.41
C ALA C 217 -3.55 -29.71 12.33
N MET C 218 -3.05 -30.24 13.48
CA MET C 218 -1.81 -31.01 13.55
C MET C 218 -1.88 -32.27 12.70
N LYS C 219 -3.06 -32.94 12.66
CA LYS C 219 -3.28 -34.11 11.82
C LYS C 219 -3.31 -33.71 10.34
N ALA C 220 -4.04 -32.61 10.01
CA ALA C 220 -4.24 -32.11 8.65
C ALA C 220 -2.96 -31.65 7.93
N VAL C 221 -2.01 -31.04 8.67
CA VAL C 221 -0.76 -30.51 8.10
C VAL C 221 0.46 -31.46 8.12
N GLN C 228 6.16 -23.76 15.13
CA GLN C 228 5.46 -22.87 14.19
C GLN C 228 3.94 -22.90 14.39
N ALA C 229 3.42 -23.91 15.11
CA ALA C 229 2.00 -24.03 15.45
C ALA C 229 1.82 -23.32 16.77
N ALA C 230 0.99 -22.28 16.79
CA ALA C 230 0.76 -21.49 18.00
C ALA C 230 -0.06 -22.28 19.06
N PRO C 231 0.14 -22.04 20.38
CA PRO C 231 -0.64 -22.83 21.38
C PRO C 231 -2.12 -22.46 21.46
N LYS C 232 -2.98 -23.51 21.43
CA LYS C 232 -4.44 -23.39 21.45
C LYS C 232 -5.04 -22.64 22.64
N GLU C 233 -4.44 -22.79 23.83
CA GLU C 233 -4.90 -22.16 25.07
C GLU C 233 -4.71 -20.64 25.04
N GLU C 234 -3.54 -20.16 24.55
CA GLU C 234 -3.25 -18.72 24.44
C GLU C 234 -4.14 -18.13 23.31
N CYS C 235 -4.30 -18.88 22.20
CA CYS C 235 -5.15 -18.53 21.05
C CYS C 235 -6.58 -18.25 21.53
N ALA C 236 -7.15 -19.20 22.31
CA ALA C 236 -8.51 -19.10 22.86
C ALA C 236 -8.65 -17.86 23.73
N LEU C 237 -7.67 -17.60 24.63
CA LEU C 237 -7.71 -16.40 25.48
C LEU C 237 -7.66 -15.10 24.64
N GLU C 238 -6.84 -15.07 23.58
CA GLU C 238 -6.74 -13.89 22.71
C GLU C 238 -8.04 -13.57 21.99
N ILE C 239 -8.78 -14.62 21.60
CA ILE C 239 -10.09 -14.46 20.94
C ILE C 239 -11.06 -13.78 21.92
N ILE C 240 -11.18 -14.34 23.14
CA ILE C 240 -12.04 -13.82 24.20
C ILE C 240 -11.70 -12.36 24.53
N LYS C 241 -10.39 -12.06 24.65
CA LYS C 241 -9.89 -10.71 24.96
C LYS C 241 -10.38 -9.68 23.94
N GLY C 242 -10.16 -9.95 22.66
CA GLY C 242 -10.58 -9.09 21.56
C GLY C 242 -12.08 -8.87 21.51
N GLY C 243 -12.84 -9.93 21.77
CA GLY C 243 -14.30 -9.86 21.85
C GLY C 243 -14.75 -9.00 23.01
N ALA C 244 -14.17 -9.24 24.22
CA ALA C 244 -14.49 -8.50 25.45
C ALA C 244 -14.16 -7.00 25.30
N LEU C 245 -13.07 -6.70 24.60
CA LEU C 245 -12.59 -5.34 24.33
C LEU C 245 -13.24 -4.71 23.12
N ARG C 246 -14.19 -5.43 22.47
CA ARG C 246 -14.96 -4.93 21.31
C ARG C 246 -14.05 -4.48 20.14
N GLN C 247 -12.94 -5.20 19.91
CA GLN C 247 -12.00 -4.92 18.81
C GLN C 247 -12.63 -5.36 17.50
N GLU C 248 -12.31 -4.72 16.39
CA GLU C 248 -12.85 -5.14 15.10
C GLU C 248 -12.15 -6.40 14.61
N GLU C 249 -10.81 -6.44 14.72
CA GLU C 249 -10.04 -7.61 14.28
C GLU C 249 -9.03 -8.06 15.34
N VAL C 250 -8.84 -9.38 15.47
CA VAL C 250 -7.86 -10.02 16.34
C VAL C 250 -6.94 -10.82 15.41
N TYR C 251 -5.62 -10.67 15.56
CA TYR C 251 -4.68 -11.42 14.73
C TYR C 251 -3.84 -12.30 15.64
N TYR C 252 -3.83 -13.60 15.36
CA TYR C 252 -3.07 -14.50 16.21
C TYR C 252 -2.30 -15.51 15.39
N ASP C 253 -0.98 -15.40 15.39
CA ASP C 253 -0.07 -16.28 14.65
C ASP C 253 1.29 -16.32 15.36
N SER C 254 2.04 -17.41 15.18
CA SER C 254 3.36 -17.60 15.79
C SER C 254 4.44 -16.67 15.22
N SER C 255 4.26 -16.18 13.98
CA SER C 255 5.20 -15.30 13.28
C SER C 255 4.79 -13.82 13.38
N LEU C 256 5.66 -12.99 13.97
CA LEU C 256 5.40 -11.55 14.11
C LEU C 256 5.36 -10.81 12.74
N TRP C 257 6.00 -11.41 11.73
CA TRP C 257 6.04 -10.94 10.35
C TRP C 257 4.67 -11.13 9.65
N THR C 258 3.94 -12.19 10.03
CA THR C 258 2.59 -12.47 9.55
C THR C 258 1.64 -11.39 10.09
N THR C 259 1.73 -11.08 11.39
CA THR C 259 0.88 -10.09 12.06
C THR C 259 1.06 -8.68 11.50
N LEU C 260 2.30 -8.36 11.10
CA LEU C 260 2.73 -7.13 10.47
C LEU C 260 2.13 -6.98 9.03
N LEU C 261 2.15 -8.06 8.23
CA LEU C 261 1.69 -8.09 6.84
C LEU C 261 0.19 -8.33 6.65
N ILE C 262 -0.48 -8.89 7.65
CA ILE C 262 -1.92 -9.20 7.58
C ILE C 262 -2.80 -7.96 7.57
N ARG C 263 -2.36 -6.88 8.24
CA ARG C 263 -3.11 -5.62 8.30
C ARG C 263 -3.23 -4.99 6.90
N ASN C 264 -4.38 -4.35 6.65
CA ASN C 264 -4.59 -3.70 5.37
C ASN C 264 -5.10 -2.28 5.65
N PRO C 265 -4.18 -1.34 6.00
CA PRO C 265 -4.63 0.04 6.28
C PRO C 265 -5.28 0.74 5.10
N SER C 266 -4.87 0.41 3.84
CA SER C 266 -5.48 0.99 2.63
C SER C 266 -6.95 0.65 2.53
N ARG C 267 -7.32 -0.59 2.92
CA ARG C 267 -8.71 -1.01 2.89
C ARG C 267 -9.58 -0.18 3.86
N LYS C 268 -9.09 0.03 5.09
CA LYS C 268 -9.81 0.81 6.10
C LYS C 268 -9.95 2.28 5.67
N ILE C 269 -8.90 2.83 5.00
CA ILE C 269 -8.94 4.20 4.53
C ILE C 269 -9.99 4.34 3.41
N LEU C 270 -9.96 3.43 2.42
CA LEU C 270 -10.92 3.41 1.31
C LEU C 270 -12.37 3.22 1.76
N GLU C 271 -12.62 2.37 2.77
CA GLU C 271 -13.97 2.17 3.34
C GLU C 271 -14.49 3.50 3.90
N PHE C 272 -13.61 4.27 4.56
CA PHE C 272 -13.95 5.59 5.11
C PHE C 272 -14.20 6.58 3.97
N LEU C 273 -13.31 6.62 2.98
CA LEU C 273 -13.47 7.54 1.85
C LEU C 273 -14.71 7.25 1.03
N TYR C 274 -15.04 5.95 0.83
CA TYR C 274 -16.26 5.63 0.07
C TYR C 274 -17.51 6.07 0.83
N SER C 275 -17.46 6.03 2.20
CA SER C 275 -18.58 6.46 3.05
C SER C 275 -18.97 7.95 2.83
N THR C 276 -18.02 8.79 2.34
CA THR C 276 -18.23 10.22 2.07
C THR C 276 -19.06 10.44 0.81
N SER C 277 -19.19 9.40 -0.04
CA SER C 277 -19.95 9.45 -1.29
C SER C 277 -21.33 8.81 -1.26
N TYR C 278 -21.78 8.33 -0.11
CA TYR C 278 -23.12 7.78 0.01
C TYR C 278 -23.81 8.32 1.24
N ASN C 279 -25.15 8.34 1.19
CA ASN C 279 -26.00 8.82 2.28
C ASN C 279 -26.95 7.68 2.65
N MET C 280 -26.82 7.20 3.89
CA MET C 280 -27.60 6.08 4.40
C MET C 280 -28.87 6.44 5.18
N ASP C 281 -29.13 7.77 5.37
CA ASP C 281 -30.29 8.37 6.08
C ASP C 281 -31.65 7.71 5.79
N ARG C 282 -31.87 7.31 4.51
CA ARG C 282 -33.08 6.63 4.03
C ARG C 282 -33.41 5.34 4.84
N PHE C 283 -32.38 4.64 5.35
CA PHE C 283 -32.56 3.39 6.09
C PHE C 283 -32.59 3.58 7.61
N GLN D 14 -0.44 -16.71 -12.10
CA GLN D 14 -0.10 -17.15 -13.45
C GLN D 14 0.81 -16.15 -14.20
N GLN D 15 1.42 -16.61 -15.31
CA GLN D 15 2.26 -15.78 -16.18
C GLN D 15 1.37 -15.00 -17.16
N PRO D 16 1.26 -13.65 -17.02
CA PRO D 16 0.43 -12.89 -17.97
C PRO D 16 1.11 -12.70 -19.32
N LEU D 17 0.34 -12.32 -20.36
CA LEU D 17 0.91 -12.08 -21.69
C LEU D 17 1.75 -10.80 -21.67
N ASN D 18 3.08 -10.94 -21.88
CA ASN D 18 4.03 -9.82 -21.87
C ASN D 18 3.98 -9.07 -23.21
N GLU D 19 2.77 -8.59 -23.55
CA GLU D 19 2.43 -7.88 -24.78
C GLU D 19 1.19 -7.00 -24.61
N GLU D 20 1.01 -6.05 -25.53
CA GLU D 20 -0.11 -5.10 -25.57
C GLU D 20 -1.33 -5.83 -26.12
N PHE D 21 -2.52 -5.49 -25.60
CA PHE D 21 -3.76 -6.10 -26.09
C PHE D 21 -4.06 -5.61 -27.50
N ARG D 22 -4.59 -6.50 -28.32
CA ARG D 22 -5.07 -6.16 -29.66
C ARG D 22 -6.38 -6.92 -29.93
N PRO D 23 -7.41 -6.27 -30.53
CA PRO D 23 -8.69 -6.98 -30.76
C PRO D 23 -8.61 -8.29 -31.54
N GLU D 24 -7.52 -8.52 -32.30
CA GLU D 24 -7.31 -9.73 -33.10
C GLU D 24 -7.05 -10.96 -32.20
N MET D 25 -6.72 -10.73 -30.90
CA MET D 25 -6.49 -11.82 -29.92
C MET D 25 -7.76 -12.66 -29.70
N LEU D 26 -8.95 -12.05 -29.87
CA LEU D 26 -10.25 -12.72 -29.70
C LEU D 26 -10.82 -13.34 -30.99
N GLN D 27 -10.24 -13.03 -32.18
CA GLN D 27 -10.70 -13.57 -33.46
C GLN D 27 -10.71 -15.10 -33.47
N GLY D 28 -11.89 -15.68 -33.72
CA GLY D 28 -12.06 -17.14 -33.75
C GLY D 28 -12.06 -17.82 -32.39
N LYS D 29 -11.89 -17.04 -31.29
CA LYS D 29 -11.92 -17.61 -29.92
C LYS D 29 -13.34 -17.99 -29.54
N LYS D 30 -13.49 -19.02 -28.72
CA LYS D 30 -14.78 -19.55 -28.31
C LYS D 30 -15.06 -19.10 -26.91
N VAL D 31 -16.00 -18.17 -26.78
CA VAL D 31 -16.25 -17.53 -25.50
C VAL D 31 -17.66 -17.69 -24.97
N ILE D 32 -17.77 -18.01 -23.67
CA ILE D 32 -19.03 -18.00 -22.95
C ILE D 32 -19.06 -16.69 -22.18
N VAL D 33 -20.21 -16.01 -22.17
CA VAL D 33 -20.47 -14.83 -21.36
C VAL D 33 -21.78 -15.10 -20.59
N THR D 34 -21.71 -15.12 -19.26
CA THR D 34 -22.93 -15.31 -18.47
C THR D 34 -23.49 -13.94 -18.09
N GLY D 35 -24.77 -13.88 -17.77
CA GLY D 35 -25.43 -12.64 -17.41
C GLY D 35 -25.27 -11.61 -18.52
N ALA D 36 -25.45 -12.07 -19.77
CA ALA D 36 -25.20 -11.28 -20.97
C ALA D 36 -26.43 -10.78 -21.72
N SER D 37 -27.60 -10.79 -21.09
CA SER D 37 -28.82 -10.27 -21.71
C SER D 37 -28.87 -8.74 -21.58
N LYS D 38 -28.12 -8.18 -20.60
CA LYS D 38 -28.08 -6.74 -20.34
C LYS D 38 -26.79 -6.30 -19.62
N GLY D 39 -26.69 -5.01 -19.32
CA GLY D 39 -25.57 -4.40 -18.60
C GLY D 39 -24.22 -4.71 -19.20
N ILE D 40 -23.22 -5.01 -18.33
CA ILE D 40 -21.83 -5.27 -18.71
C ILE D 40 -21.66 -6.54 -19.55
N GLY D 41 -22.39 -7.59 -19.19
CA GLY D 41 -22.37 -8.86 -19.92
C GLY D 41 -22.77 -8.69 -21.37
N ARG D 42 -23.84 -7.89 -21.63
CA ARG D 42 -24.29 -7.61 -23.01
C ARG D 42 -23.20 -6.86 -23.77
N GLU D 43 -22.59 -5.84 -23.13
CA GLU D 43 -21.50 -5.07 -23.75
C GLU D 43 -20.30 -5.92 -24.09
N MET D 44 -19.99 -6.91 -23.21
CA MET D 44 -18.89 -7.84 -23.47
C MET D 44 -19.17 -8.69 -24.71
N ALA D 45 -20.43 -9.19 -24.84
CA ALA D 45 -20.85 -9.99 -26.00
C ALA D 45 -20.65 -9.18 -27.31
N TYR D 46 -21.05 -7.90 -27.30
CA TYR D 46 -20.93 -6.95 -28.42
C TYR D 46 -19.47 -6.73 -28.81
N HIS D 47 -18.58 -6.55 -27.79
CA HIS D 47 -17.15 -6.41 -28.05
C HIS D 47 -16.59 -7.67 -28.70
N LEU D 48 -16.93 -8.85 -28.15
CA LEU D 48 -16.45 -10.12 -28.70
C LEU D 48 -16.97 -10.35 -30.13
N ALA D 49 -18.23 -9.95 -30.39
CA ALA D 49 -18.88 -10.04 -31.71
C ALA D 49 -18.06 -9.23 -32.73
N LYS D 50 -17.73 -7.97 -32.38
CA LYS D 50 -16.92 -7.08 -33.21
C LYS D 50 -15.50 -7.63 -33.48
N MET D 51 -14.99 -8.44 -32.53
CA MET D 51 -13.67 -9.07 -32.63
C MET D 51 -13.66 -10.38 -33.43
N GLY D 52 -14.82 -10.85 -33.86
CA GLY D 52 -14.92 -12.08 -34.65
C GLY D 52 -14.82 -13.35 -33.84
N ALA D 53 -15.16 -13.26 -32.53
CA ALA D 53 -15.15 -14.43 -31.66
C ALA D 53 -16.43 -15.24 -31.88
N HIS D 54 -16.44 -16.50 -31.41
CA HIS D 54 -17.63 -17.34 -31.35
C HIS D 54 -18.17 -17.02 -29.96
N VAL D 55 -19.46 -16.69 -29.84
CA VAL D 55 -20.02 -16.36 -28.53
C VAL D 55 -21.24 -17.18 -28.17
N VAL D 56 -21.34 -17.60 -26.90
CA VAL D 56 -22.53 -18.26 -26.37
C VAL D 56 -22.92 -17.41 -25.16
N VAL D 57 -24.08 -16.80 -25.23
CA VAL D 57 -24.59 -15.95 -24.16
C VAL D 57 -25.66 -16.65 -23.35
N THR D 58 -25.76 -16.32 -22.06
CA THR D 58 -26.79 -16.89 -21.19
C THR D 58 -27.29 -15.85 -20.20
N ALA D 59 -28.50 -16.11 -19.65
CA ALA D 59 -29.28 -15.36 -18.65
C ALA D 59 -30.67 -16.05 -18.61
N ARG D 60 -31.63 -15.57 -17.84
CA ARG D 60 -32.94 -16.24 -17.79
C ARG D 60 -33.87 -15.78 -18.92
N SER D 61 -33.77 -14.50 -19.34
CA SER D 61 -34.69 -13.95 -20.34
C SER D 61 -34.35 -14.24 -21.81
N LYS D 62 -35.12 -15.17 -22.42
CA LYS D 62 -34.89 -15.55 -23.82
C LYS D 62 -35.11 -14.41 -24.82
N GLU D 63 -36.10 -13.52 -24.56
CA GLU D 63 -36.45 -12.40 -25.43
C GLU D 63 -35.31 -11.39 -25.58
N THR D 64 -34.68 -11.02 -24.46
CA THR D 64 -33.56 -10.09 -24.43
C THR D 64 -32.30 -10.75 -24.95
N LEU D 65 -32.09 -12.06 -24.66
CA LEU D 65 -30.95 -12.83 -25.17
C LEU D 65 -31.00 -12.92 -26.69
N GLN D 66 -32.22 -13.06 -27.26
CA GLN D 66 -32.47 -13.10 -28.71
C GLN D 66 -31.99 -11.83 -29.38
N LYS D 67 -32.33 -10.65 -28.79
CA LYS D 67 -31.93 -9.33 -29.28
C LYS D 67 -30.40 -9.17 -29.24
N VAL D 68 -29.76 -9.72 -28.19
CA VAL D 68 -28.30 -9.66 -28.05
C VAL D 68 -27.64 -10.46 -29.17
N VAL D 69 -28.11 -11.69 -29.39
CA VAL D 69 -27.60 -12.59 -30.43
C VAL D 69 -27.76 -11.93 -31.81
N SER D 70 -28.93 -11.28 -32.06
CA SER D 70 -29.18 -10.60 -33.34
C SER D 70 -28.14 -9.54 -33.64
N HIS D 71 -27.84 -8.71 -32.63
CA HIS D 71 -26.85 -7.65 -32.75
C HIS D 71 -25.43 -8.23 -32.91
N CYS D 72 -25.12 -9.33 -32.19
CA CYS D 72 -23.82 -10.02 -32.26
C CYS D 72 -23.56 -10.56 -33.67
N LEU D 73 -24.59 -11.20 -34.29
CA LEU D 73 -24.46 -11.77 -35.64
C LEU D 73 -24.18 -10.67 -36.64
N GLU D 74 -24.89 -9.54 -36.50
CA GLU D 74 -24.76 -8.35 -37.33
C GLU D 74 -23.37 -7.72 -37.17
N LEU D 75 -22.86 -7.62 -35.91
CA LEU D 75 -21.56 -7.02 -35.59
C LEU D 75 -20.37 -7.74 -36.16
N GLY D 76 -20.53 -9.00 -36.53
CA GLY D 76 -19.46 -9.78 -37.13
C GLY D 76 -18.92 -10.94 -36.31
N ALA D 77 -19.73 -11.50 -35.38
CA ALA D 77 -19.34 -12.67 -34.60
C ALA D 77 -19.18 -13.89 -35.53
N ALA D 78 -18.14 -14.73 -35.31
CA ALA D 78 -17.93 -15.95 -36.10
C ALA D 78 -19.19 -16.86 -35.99
N SER D 79 -19.82 -16.86 -34.80
CA SER D 79 -21.08 -17.54 -34.48
C SER D 79 -21.57 -16.95 -33.17
N ALA D 80 -22.89 -16.90 -32.99
CA ALA D 80 -23.51 -16.34 -31.79
C ALA D 80 -24.77 -17.12 -31.50
N HIS D 81 -24.88 -17.65 -30.26
CA HIS D 81 -26.04 -18.42 -29.77
C HIS D 81 -26.37 -18.05 -28.34
N TYR D 82 -27.58 -18.40 -27.90
CA TYR D 82 -28.00 -18.19 -26.54
C TYR D 82 -28.60 -19.46 -26.00
N ILE D 83 -28.51 -19.64 -24.68
CA ILE D 83 -29.14 -20.72 -23.93
C ILE D 83 -29.71 -20.05 -22.69
N ALA D 84 -31.05 -20.07 -22.57
CA ALA D 84 -31.72 -19.43 -21.44
C ALA D 84 -31.91 -20.40 -20.28
N GLY D 85 -31.72 -19.88 -19.06
CA GLY D 85 -31.87 -20.66 -17.84
C GLY D 85 -31.43 -19.90 -16.62
N THR D 86 -31.79 -20.42 -15.44
CA THR D 86 -31.43 -19.82 -14.17
C THR D 86 -30.21 -20.47 -13.55
N MET D 87 -29.26 -19.64 -13.12
CA MET D 87 -28.05 -20.09 -12.45
C MET D 87 -28.30 -20.51 -10.98
N GLU D 88 -29.57 -20.43 -10.53
CA GLU D 88 -30.05 -20.93 -9.23
C GLU D 88 -30.05 -22.46 -9.30
N ASP D 89 -30.17 -23.00 -10.52
CA ASP D 89 -30.21 -24.42 -10.83
C ASP D 89 -28.84 -24.88 -11.28
N MET D 90 -28.16 -25.61 -10.39
CA MET D 90 -26.83 -26.15 -10.61
C MET D 90 -26.79 -27.17 -11.73
N THR D 91 -27.95 -27.83 -12.03
CA THR D 91 -28.06 -28.79 -13.12
C THR D 91 -28.02 -28.08 -14.47
N PHE D 92 -28.76 -26.97 -14.58
CA PHE D 92 -28.73 -26.12 -15.77
C PHE D 92 -27.29 -25.60 -16.00
N ALA D 93 -26.63 -25.13 -14.92
CA ALA D 93 -25.26 -24.57 -15.01
C ALA D 93 -24.32 -25.57 -15.66
N GLU D 94 -24.28 -26.81 -15.14
CA GLU D 94 -23.44 -27.89 -15.66
C GLU D 94 -23.79 -28.21 -17.13
N GLN D 95 -25.09 -28.40 -17.43
CA GLN D 95 -25.57 -28.71 -18.79
C GLN D 95 -25.34 -27.57 -19.78
N PHE D 96 -25.52 -26.30 -19.33
CA PHE D 96 -25.28 -25.14 -20.18
C PHE D 96 -23.86 -25.14 -20.79
N VAL D 97 -22.83 -25.46 -19.98
CA VAL D 97 -21.43 -25.41 -20.45
C VAL D 97 -21.17 -26.49 -21.52
N ALA D 98 -21.63 -27.72 -21.25
CA ALA D 98 -21.53 -28.85 -22.18
C ALA D 98 -22.20 -28.50 -23.52
N GLN D 99 -23.42 -27.95 -23.47
CA GLN D 99 -24.17 -27.51 -24.66
C GLN D 99 -23.45 -26.35 -25.36
N ALA D 100 -22.90 -25.40 -24.59
CA ALA D 100 -22.16 -24.26 -25.16
C ALA D 100 -20.88 -24.72 -25.89
N GLY D 101 -20.18 -25.71 -25.33
CA GLY D 101 -18.97 -26.28 -25.90
C GLY D 101 -19.23 -27.00 -27.19
N LYS D 102 -20.41 -27.66 -27.30
CA LYS D 102 -20.86 -28.37 -28.51
C LYS D 102 -21.16 -27.39 -29.64
N LEU D 103 -21.85 -26.25 -29.31
CA LEU D 103 -22.18 -25.23 -30.31
C LEU D 103 -20.95 -24.61 -30.95
N MET D 104 -19.83 -24.49 -30.18
CA MET D 104 -18.61 -23.85 -30.65
C MET D 104 -17.48 -24.82 -31.07
N GLY D 105 -17.57 -26.08 -30.65
CA GLY D 105 -16.52 -27.08 -30.91
C GLY D 105 -15.32 -26.87 -30.00
N GLY D 106 -15.59 -26.40 -28.78
CA GLY D 106 -14.54 -26.12 -27.80
C GLY D 106 -14.80 -24.85 -27.02
N LEU D 107 -13.87 -24.53 -26.10
CA LEU D 107 -13.99 -23.35 -25.26
C LEU D 107 -12.62 -22.77 -24.94
N ASP D 108 -12.48 -21.46 -25.21
CA ASP D 108 -11.25 -20.72 -24.95
C ASP D 108 -11.36 -19.77 -23.76
N MET D 109 -12.55 -19.19 -23.53
CA MET D 109 -12.71 -18.25 -22.43
C MET D 109 -14.08 -18.38 -21.78
N LEU D 110 -14.08 -18.40 -20.45
CA LEU D 110 -15.29 -18.49 -19.62
C LEU D 110 -15.42 -17.20 -18.82
N ILE D 111 -16.39 -16.35 -19.17
CA ILE D 111 -16.62 -15.07 -18.50
C ILE D 111 -17.83 -15.20 -17.58
N LEU D 112 -17.57 -15.21 -16.27
CA LEU D 112 -18.56 -15.37 -15.20
C LEU D 112 -18.91 -14.00 -14.70
N ASN D 113 -20.15 -13.59 -15.01
CA ASN D 113 -20.60 -12.25 -14.79
C ASN D 113 -21.97 -12.09 -14.14
N HIS D 114 -22.87 -13.08 -14.28
CA HIS D 114 -24.21 -13.00 -13.65
C HIS D 114 -24.19 -12.84 -12.15
N ILE D 115 -25.24 -12.24 -11.64
CA ILE D 115 -25.52 -12.07 -10.22
C ILE D 115 -27.03 -12.16 -10.03
N THR D 116 -27.46 -12.50 -8.82
CA THR D 116 -28.89 -12.51 -8.50
C THR D 116 -29.32 -11.05 -8.28
N ASN D 117 -30.60 -10.76 -8.48
CA ASN D 117 -31.20 -9.43 -8.30
C ASN D 117 -30.97 -8.94 -6.89
N THR D 118 -30.37 -7.75 -6.78
CA THR D 118 -30.02 -7.17 -5.49
C THR D 118 -30.22 -5.68 -5.49
N SER D 119 -30.73 -5.17 -4.35
CA SER D 119 -31.01 -3.77 -4.10
C SER D 119 -30.24 -3.33 -2.86
N LEU D 120 -30.07 -2.02 -2.66
CA LEU D 120 -29.38 -1.54 -1.47
C LEU D 120 -30.35 -1.53 -0.27
N ASN D 121 -30.01 -2.25 0.80
CA ASN D 121 -30.82 -2.36 2.03
C ASN D 121 -29.94 -2.79 3.20
N LEU D 122 -30.30 -2.41 4.43
CA LEU D 122 -29.59 -2.89 5.60
C LEU D 122 -29.95 -4.35 5.79
N PHE D 123 -29.05 -5.14 6.34
CA PHE D 123 -29.34 -6.54 6.59
C PHE D 123 -30.13 -6.67 7.89
N HIS D 124 -31.22 -7.45 7.85
CA HIS D 124 -31.98 -7.72 9.07
C HIS D 124 -32.15 -9.22 9.36
N ASP D 125 -33.08 -9.88 8.69
CA ASP D 125 -33.31 -11.31 8.90
C ASP D 125 -33.47 -12.05 7.58
N ASP D 126 -32.99 -11.45 6.50
CA ASP D 126 -33.12 -11.99 5.15
C ASP D 126 -32.05 -13.04 4.78
N ILE D 127 -32.06 -14.19 5.48
CA ILE D 127 -31.19 -15.33 5.17
C ILE D 127 -31.42 -15.87 3.74
N HIS D 128 -32.67 -15.77 3.22
CA HIS D 128 -33.03 -16.23 1.88
C HIS D 128 -32.16 -15.50 0.84
N HIS D 129 -32.06 -14.16 0.94
CA HIS D 129 -31.23 -13.36 0.04
C HIS D 129 -29.72 -13.70 0.24
N VAL D 130 -29.28 -13.96 1.50
CA VAL D 130 -27.87 -14.33 1.76
C VAL D 130 -27.57 -15.65 1.02
N ARG D 131 -28.46 -16.64 1.17
CA ARG D 131 -28.32 -17.96 0.53
C ARG D 131 -28.38 -17.87 -1.00
N LYS D 132 -29.36 -17.12 -1.54
CA LYS D 132 -29.52 -16.95 -2.98
C LYS D 132 -28.31 -16.27 -3.58
N SER D 133 -27.74 -15.27 -2.88
CA SER D 133 -26.53 -14.57 -3.31
C SER D 133 -25.37 -15.55 -3.39
N MET D 134 -25.17 -16.38 -2.33
CA MET D 134 -24.08 -17.37 -2.30
C MET D 134 -24.23 -18.39 -3.42
N GLU D 135 -25.47 -18.87 -3.65
CA GLU D 135 -25.73 -19.85 -4.70
C GLU D 135 -25.53 -19.32 -6.11
N VAL D 136 -26.17 -18.19 -6.43
CA VAL D 136 -26.11 -17.59 -7.76
C VAL D 136 -24.77 -16.93 -8.05
N ASN D 137 -24.33 -16.02 -7.19
CA ASN D 137 -23.12 -15.22 -7.42
C ASN D 137 -21.83 -15.96 -7.18
N PHE D 138 -21.86 -17.05 -6.42
CA PHE D 138 -20.65 -17.77 -6.07
C PHE D 138 -20.70 -19.25 -6.45
N LEU D 139 -21.63 -20.02 -5.87
CA LEU D 139 -21.66 -21.46 -6.15
C LEU D 139 -21.79 -21.86 -7.59
N SER D 140 -22.69 -21.21 -8.33
CA SER D 140 -22.84 -21.52 -9.76
C SER D 140 -21.53 -21.25 -10.54
N TYR D 141 -20.69 -20.26 -10.12
CA TYR D 141 -19.41 -19.93 -10.80
C TYR D 141 -18.46 -21.13 -10.68
N VAL D 142 -18.48 -21.78 -9.51
CA VAL D 142 -17.68 -22.98 -9.19
C VAL D 142 -18.17 -24.16 -10.08
N VAL D 143 -19.51 -24.37 -10.15
CA VAL D 143 -20.13 -25.43 -10.98
C VAL D 143 -19.76 -25.20 -12.46
N LEU D 144 -19.90 -23.95 -12.94
CA LEU D 144 -19.55 -23.60 -14.34
C LEU D 144 -18.08 -23.87 -14.64
N THR D 145 -17.19 -23.52 -13.69
CA THR D 145 -15.75 -23.73 -13.80
C THR D 145 -15.44 -25.22 -13.91
N VAL D 146 -16.05 -26.06 -13.03
CA VAL D 146 -15.83 -27.52 -13.06
C VAL D 146 -16.19 -28.07 -14.44
N ALA D 147 -17.35 -27.63 -14.96
CA ALA D 147 -17.88 -28.04 -16.26
C ALA D 147 -17.02 -27.62 -17.44
N ALA D 148 -16.37 -26.43 -17.33
CA ALA D 148 -15.54 -25.86 -18.40
C ALA D 148 -14.09 -26.29 -18.44
N LEU D 149 -13.54 -26.61 -17.26
CA LEU D 149 -12.12 -26.93 -17.08
C LEU D 149 -11.54 -27.93 -18.08
N PRO D 150 -12.15 -29.12 -18.35
CA PRO D 150 -11.58 -30.01 -19.38
C PRO D 150 -11.38 -29.33 -20.74
N MET D 151 -12.36 -28.54 -21.20
CA MET D 151 -12.21 -27.83 -22.47
C MET D 151 -11.16 -26.72 -22.40
N LEU D 152 -11.12 -25.98 -21.28
CA LEU D 152 -10.14 -24.92 -21.04
C LEU D 152 -8.72 -25.49 -20.98
N LYS D 153 -8.56 -26.67 -20.33
CA LYS D 153 -7.29 -27.39 -20.26
C LYS D 153 -6.80 -27.78 -21.66
N GLN D 154 -7.71 -28.14 -22.58
CA GLN D 154 -7.36 -28.52 -23.97
C GLN D 154 -6.91 -27.32 -24.80
N SER D 155 -7.52 -26.15 -24.56
CA SER D 155 -7.22 -24.92 -25.29
C SER D 155 -6.23 -23.95 -24.58
N ASN D 156 -5.73 -24.31 -23.37
CA ASN D 156 -4.88 -23.41 -22.55
C ASN D 156 -5.66 -22.10 -22.30
N GLY D 157 -6.94 -22.28 -21.99
CA GLY D 157 -7.92 -21.22 -21.84
C GLY D 157 -7.82 -20.28 -20.65
N SER D 158 -8.91 -19.51 -20.45
CA SER D 158 -8.98 -18.49 -19.42
C SER D 158 -10.34 -18.44 -18.74
N ILE D 159 -10.34 -18.19 -17.42
CA ILE D 159 -11.54 -18.00 -16.60
C ILE D 159 -11.50 -16.54 -16.20
N VAL D 160 -12.60 -15.81 -16.42
CA VAL D 160 -12.69 -14.38 -16.06
C VAL D 160 -13.84 -14.27 -15.08
N VAL D 161 -13.55 -13.72 -13.89
CA VAL D 161 -14.51 -13.60 -12.78
C VAL D 161 -14.80 -12.11 -12.50
N VAL D 162 -16.06 -11.70 -12.66
CA VAL D 162 -16.45 -10.31 -12.43
C VAL D 162 -16.78 -10.05 -10.97
N SER D 163 -16.04 -9.09 -10.36
CA SER D 163 -16.22 -8.77 -8.97
C SER D 163 -16.36 -7.26 -8.77
N SER D 164 -16.23 -6.78 -7.53
CA SER D 164 -16.60 -5.42 -7.15
C SER D 164 -15.72 -4.84 -6.07
N LEU D 165 -15.92 -3.53 -5.77
CA LEU D 165 -15.23 -2.92 -4.61
C LEU D 165 -15.70 -3.68 -3.35
N ALA D 166 -17.00 -4.06 -3.29
CA ALA D 166 -17.62 -4.83 -2.18
C ALA D 166 -17.04 -6.28 -2.04
N GLY D 167 -16.22 -6.68 -3.00
CA GLY D 167 -15.51 -7.96 -3.01
C GLY D 167 -14.06 -7.79 -2.55
N LYS D 168 -13.64 -6.56 -2.25
CA LYS D 168 -12.29 -6.26 -1.73
C LYS D 168 -12.29 -5.49 -0.42
N VAL D 169 -13.41 -4.81 -0.10
CA VAL D 169 -13.60 -4.04 1.12
C VAL D 169 -15.02 -4.25 1.61
N ALA D 170 -15.28 -3.95 2.89
CA ALA D 170 -16.59 -3.98 3.51
C ALA D 170 -17.45 -2.89 2.86
N TYR D 171 -18.72 -3.22 2.59
CA TYR D 171 -19.59 -2.25 1.93
C TYR D 171 -20.99 -2.36 2.51
N PRO D 172 -21.43 -1.37 3.32
CA PRO D 172 -22.79 -1.44 3.90
C PRO D 172 -23.87 -1.35 2.84
N MET D 173 -25.06 -1.94 3.11
CA MET D 173 -26.25 -1.96 2.23
C MET D 173 -26.21 -3.10 1.20
N VAL D 174 -25.03 -3.75 1.02
CA VAL D 174 -24.80 -4.86 0.06
C VAL D 174 -24.06 -6.02 0.76
N ALA D 175 -24.41 -6.35 2.01
CA ALA D 175 -23.68 -7.37 2.78
C ALA D 175 -23.71 -8.77 2.18
N ALA D 176 -24.88 -9.24 1.71
CA ALA D 176 -25.00 -10.55 1.13
C ALA D 176 -24.16 -10.62 -0.14
N TYR D 177 -24.23 -9.54 -0.95
CA TYR D 177 -23.50 -9.37 -2.18
C TYR D 177 -22.00 -9.37 -1.89
N SER D 178 -21.57 -8.55 -0.90
CA SER D 178 -20.19 -8.44 -0.47
C SER D 178 -19.66 -9.83 -0.10
N ALA D 179 -20.40 -10.57 0.75
CA ALA D 179 -20.00 -11.95 1.16
C ALA D 179 -19.73 -12.85 -0.06
N SER D 180 -20.60 -12.79 -1.10
CA SER D 180 -20.45 -13.62 -2.30
C SER D 180 -19.25 -13.22 -3.13
N LYS D 181 -18.98 -11.90 -3.25
CA LYS D 181 -17.84 -11.43 -4.03
C LYS D 181 -16.54 -11.76 -3.32
N PHE D 182 -16.50 -11.63 -1.98
CA PHE D 182 -15.32 -12.01 -1.18
C PHE D 182 -15.07 -13.52 -1.33
N ALA D 183 -16.17 -14.33 -1.35
CA ALA D 183 -16.05 -15.78 -1.56
C ALA D 183 -15.38 -16.11 -2.89
N LEU D 184 -15.69 -15.38 -3.95
CA LEU D 184 -15.09 -15.58 -5.28
C LEU D 184 -13.58 -15.38 -5.19
N ASP D 185 -13.15 -14.34 -4.47
CA ASP D 185 -11.74 -14.03 -4.33
C ASP D 185 -11.03 -15.19 -3.60
N GLY D 186 -11.55 -15.62 -2.46
CA GLY D 186 -11.00 -16.74 -1.72
C GLY D 186 -10.93 -18.01 -2.54
N PHE D 187 -12.04 -18.37 -3.21
CA PHE D 187 -12.04 -19.60 -3.99
C PHE D 187 -11.12 -19.56 -5.22
N PHE D 188 -11.33 -18.58 -6.10
CA PHE D 188 -10.62 -18.52 -7.37
C PHE D 188 -9.14 -18.22 -7.19
N SER D 189 -8.79 -17.44 -6.15
CA SER D 189 -7.39 -17.11 -5.89
C SER D 189 -6.67 -18.34 -5.29
N SER D 190 -7.41 -19.16 -4.54
CA SER D 190 -6.81 -20.38 -4.00
C SER D 190 -6.60 -21.43 -5.09
N ILE D 191 -7.58 -21.61 -6.01
CA ILE D 191 -7.40 -22.56 -7.11
C ILE D 191 -6.33 -22.06 -8.10
N ARG D 192 -6.13 -20.71 -8.23
CA ARG D 192 -5.06 -20.19 -9.10
C ARG D 192 -3.69 -20.66 -8.54
N LYS D 193 -3.52 -20.65 -7.21
CA LYS D 193 -2.29 -21.14 -6.57
C LYS D 193 -2.17 -22.64 -6.86
N GLU D 194 -3.31 -23.38 -6.78
CA GLU D 194 -3.32 -24.84 -7.08
C GLU D 194 -2.95 -25.14 -8.52
N TYR D 195 -3.40 -24.31 -9.49
CA TYR D 195 -3.08 -24.49 -10.90
C TYR D 195 -1.59 -24.24 -11.17
N SER D 196 -0.92 -23.42 -10.33
CA SER D 196 0.52 -23.16 -10.46
C SER D 196 1.33 -24.37 -10.01
N VAL D 197 0.88 -25.06 -8.96
CA VAL D 197 1.60 -26.25 -8.47
C VAL D 197 1.34 -27.52 -9.28
N SER D 198 0.08 -27.70 -9.76
CA SER D 198 -0.36 -28.84 -10.56
C SER D 198 -0.01 -28.63 -12.03
N ARG D 199 0.55 -27.45 -12.36
CA ARG D 199 0.95 -27.05 -13.72
C ARG D 199 -0.23 -27.03 -14.71
N VAL D 200 -1.37 -26.49 -14.27
CA VAL D 200 -2.57 -26.38 -15.13
C VAL D 200 -2.48 -25.03 -15.82
N ASN D 201 -2.34 -25.02 -17.14
CA ASN D 201 -2.19 -23.79 -17.93
C ASN D 201 -3.53 -23.13 -18.30
N VAL D 202 -4.33 -22.83 -17.26
CA VAL D 202 -5.62 -22.15 -17.41
C VAL D 202 -5.52 -20.89 -16.55
N SER D 203 -5.63 -19.71 -17.17
CA SER D 203 -5.52 -18.49 -16.39
C SER D 203 -6.83 -18.12 -15.65
N ILE D 204 -6.69 -17.42 -14.50
CA ILE D 204 -7.83 -16.94 -13.73
C ILE D 204 -7.65 -15.43 -13.51
N THR D 205 -8.64 -14.64 -13.97
CA THR D 205 -8.61 -13.17 -13.83
C THR D 205 -9.77 -12.72 -12.96
N LEU D 206 -9.46 -11.97 -11.89
CA LEU D 206 -10.47 -11.41 -10.99
C LEU D 206 -10.58 -9.92 -11.33
N CYS D 207 -11.79 -9.46 -11.65
CA CYS D 207 -12.01 -8.06 -12.06
C CYS D 207 -12.69 -7.28 -10.98
N VAL D 208 -12.04 -6.23 -10.45
CA VAL D 208 -12.61 -5.46 -9.35
C VAL D 208 -13.25 -4.19 -9.95
N LEU D 209 -14.60 -4.16 -10.02
CA LEU D 209 -15.30 -3.00 -10.60
C LEU D 209 -15.88 -2.07 -9.56
N GLY D 210 -15.87 -0.78 -9.89
CA GLY D 210 -16.54 0.27 -9.12
C GLY D 210 -17.87 0.54 -9.79
N LEU D 211 -18.53 1.65 -9.46
CA LEU D 211 -19.84 1.99 -10.05
C LEU D 211 -19.80 2.12 -11.58
N ILE D 212 -20.65 1.31 -12.26
CA ILE D 212 -20.77 1.27 -13.73
C ILE D 212 -22.21 1.69 -14.10
N ASP D 213 -22.36 2.48 -15.19
CA ASP D 213 -23.65 3.04 -15.63
C ASP D 213 -24.66 2.03 -16.23
N THR D 214 -24.82 0.84 -15.61
CA THR D 214 -25.78 -0.12 -16.13
C THR D 214 -27.14 0.29 -15.62
N GLU D 215 -28.19 -0.09 -16.35
CA GLU D 215 -29.57 0.23 -15.95
C GLU D 215 -29.86 -0.26 -14.54
N THR D 216 -29.41 -1.49 -14.19
CA THR D 216 -29.59 -2.06 -12.85
C THR D 216 -28.93 -1.22 -11.76
N ALA D 217 -27.62 -0.90 -11.90
CA ALA D 217 -26.92 -0.15 -10.85
C ALA D 217 -27.40 1.28 -10.74
N MET D 218 -27.73 1.92 -11.88
CA MET D 218 -28.27 3.29 -11.85
C MET D 218 -29.58 3.36 -11.09
N LYS D 219 -30.48 2.38 -11.30
CA LYS D 219 -31.75 2.31 -10.56
C LYS D 219 -31.52 2.01 -9.08
N ALA D 220 -30.61 1.06 -8.78
CA ALA D 220 -30.33 0.65 -7.42
C ALA D 220 -29.69 1.75 -6.55
N VAL D 221 -28.82 2.59 -7.13
CA VAL D 221 -28.12 3.62 -6.34
C VAL D 221 -28.87 4.95 -6.21
N SER D 222 -29.91 5.14 -7.04
CA SER D 222 -30.76 6.33 -7.12
C SER D 222 -31.11 6.92 -5.74
N GLY D 223 -30.65 8.15 -5.52
CA GLY D 223 -30.87 8.91 -4.29
C GLY D 223 -30.03 8.50 -3.10
N ILE D 224 -29.19 7.46 -3.24
CA ILE D 224 -28.33 6.94 -2.16
C ILE D 224 -26.88 7.35 -2.36
N VAL D 225 -26.33 7.01 -3.53
CA VAL D 225 -24.93 7.25 -3.83
C VAL D 225 -24.73 8.36 -4.85
N HIS D 226 -23.93 9.37 -4.48
CA HIS D 226 -23.59 10.48 -5.36
C HIS D 226 -22.12 10.34 -5.76
N MET D 227 -21.89 9.65 -6.89
CA MET D 227 -20.56 9.38 -7.44
C MET D 227 -20.60 9.17 -8.96
N GLN D 228 -19.44 9.35 -9.61
CA GLN D 228 -19.32 9.17 -11.06
C GLN D 228 -19.40 7.70 -11.43
N ALA D 229 -20.36 7.37 -12.31
CA ALA D 229 -20.53 6.01 -12.82
C ALA D 229 -19.69 5.91 -14.09
N ALA D 230 -18.78 4.94 -14.12
CA ALA D 230 -17.89 4.70 -15.25
C ALA D 230 -18.70 4.06 -16.41
N PRO D 231 -18.31 4.24 -17.70
CA PRO D 231 -19.14 3.68 -18.80
C PRO D 231 -19.01 2.16 -18.97
N LYS D 232 -20.15 1.48 -19.18
CA LYS D 232 -20.23 0.03 -19.37
C LYS D 232 -19.48 -0.50 -20.57
N GLU D 233 -19.40 0.32 -21.63
CA GLU D 233 -18.75 -0.09 -22.88
C GLU D 233 -17.26 -0.32 -22.67
N GLU D 234 -16.55 0.66 -22.04
CA GLU D 234 -15.11 0.53 -21.76
C GLU D 234 -14.89 -0.50 -20.62
N CYS D 235 -15.84 -0.59 -19.67
CA CYS D 235 -15.76 -1.56 -18.57
C CYS D 235 -15.64 -2.95 -19.16
N ALA D 236 -16.57 -3.28 -20.06
CA ALA D 236 -16.64 -4.56 -20.76
C ALA D 236 -15.36 -4.92 -21.50
N LEU D 237 -14.79 -3.95 -22.26
CA LEU D 237 -13.53 -4.15 -22.97
C LEU D 237 -12.38 -4.38 -21.97
N GLU D 238 -12.37 -3.65 -20.84
CA GLU D 238 -11.31 -3.80 -19.82
C GLU D 238 -11.31 -5.20 -19.19
N ILE D 239 -12.50 -5.81 -19.05
CA ILE D 239 -12.64 -7.17 -18.53
C ILE D 239 -12.06 -8.15 -19.54
N ILE D 240 -12.47 -8.00 -20.81
CA ILE D 240 -12.00 -8.84 -21.90
C ILE D 240 -10.49 -8.79 -22.02
N LYS D 241 -9.91 -7.59 -21.95
CA LYS D 241 -8.46 -7.36 -22.04
C LYS D 241 -7.71 -8.10 -20.93
N GLY D 242 -8.17 -7.96 -19.70
CA GLY D 242 -7.57 -8.64 -18.53
C GLY D 242 -7.47 -10.14 -18.72
N GLY D 243 -8.55 -10.73 -19.23
CA GLY D 243 -8.64 -12.15 -19.54
C GLY D 243 -7.75 -12.52 -20.70
N ALA D 244 -7.78 -11.71 -21.76
CA ALA D 244 -6.94 -11.95 -22.96
C ALA D 244 -5.43 -11.87 -22.60
N LEU D 245 -5.05 -10.97 -21.69
CA LEU D 245 -3.67 -10.83 -21.23
C LEU D 245 -3.32 -11.75 -20.06
N ARG D 246 -4.26 -12.64 -19.64
CA ARG D 246 -4.04 -13.62 -18.57
C ARG D 246 -3.56 -12.96 -17.27
N GLN D 247 -4.04 -11.73 -17.02
CA GLN D 247 -3.66 -11.01 -15.81
C GLN D 247 -4.42 -11.59 -14.60
N GLU D 248 -3.78 -11.67 -13.42
CA GLU D 248 -4.44 -12.18 -12.20
C GLU D 248 -5.58 -11.30 -11.71
N GLU D 249 -5.31 -9.98 -11.61
CA GLU D 249 -6.30 -9.01 -11.17
C GLU D 249 -6.28 -7.81 -12.05
N VAL D 250 -7.46 -7.26 -12.23
CA VAL D 250 -7.70 -6.09 -13.03
C VAL D 250 -8.75 -5.24 -12.34
N TYR D 251 -8.78 -3.93 -12.61
CA TYR D 251 -9.80 -3.07 -12.01
C TYR D 251 -10.39 -2.12 -13.06
N TYR D 252 -11.60 -1.62 -12.81
CA TYR D 252 -12.29 -0.62 -13.61
C TYR D 252 -13.20 0.17 -12.72
N ASP D 253 -12.90 1.46 -12.59
CA ASP D 253 -13.62 2.40 -11.75
C ASP D 253 -13.19 3.81 -12.18
N SER D 254 -14.01 4.81 -11.83
CA SER D 254 -13.77 6.22 -12.13
C SER D 254 -12.54 6.75 -11.39
N SER D 255 -12.28 6.21 -10.18
CA SER D 255 -11.16 6.60 -9.32
C SER D 255 -9.92 5.73 -9.52
N LEU D 256 -8.76 6.40 -9.71
CA LEU D 256 -7.47 5.72 -9.85
C LEU D 256 -7.08 5.03 -8.53
N TRP D 257 -7.58 5.52 -7.40
CA TRP D 257 -7.31 4.96 -6.08
C TRP D 257 -7.70 3.49 -5.88
N THR D 258 -8.63 2.99 -6.73
CA THR D 258 -9.12 1.62 -6.74
C THR D 258 -8.02 0.62 -7.08
N THR D 259 -6.93 1.09 -7.77
CA THR D 259 -5.74 0.27 -8.05
C THR D 259 -5.22 -0.36 -6.73
N LEU D 260 -5.40 0.35 -5.57
CA LEU D 260 -4.91 -0.10 -4.25
C LEU D 260 -5.64 -1.35 -3.76
N LEU D 261 -6.79 -1.66 -4.38
CA LEU D 261 -7.59 -2.86 -4.04
C LEU D 261 -7.10 -4.12 -4.75
N ILE D 262 -6.24 -3.97 -5.77
CA ILE D 262 -5.74 -5.14 -6.50
C ILE D 262 -4.24 -5.24 -6.32
N ARG D 263 -3.66 -6.39 -6.68
CA ARG D 263 -2.22 -6.65 -6.65
C ARG D 263 -1.62 -6.23 -5.31
N ASN D 264 -2.35 -6.53 -4.21
CA ASN D 264 -1.93 -6.14 -2.86
C ASN D 264 -0.55 -6.76 -2.54
N PRO D 265 0.51 -5.93 -2.33
CA PRO D 265 1.86 -6.48 -2.06
C PRO D 265 2.00 -7.27 -0.77
N SER D 266 1.39 -6.83 0.35
CA SER D 266 1.49 -7.54 1.63
C SER D 266 0.84 -8.93 1.46
N ARG D 267 -0.32 -9.00 0.76
CA ARG D 267 -1.00 -10.27 0.53
C ARG D 267 -0.12 -11.21 -0.34
N LYS D 268 0.52 -10.70 -1.40
CA LYS D 268 1.41 -11.51 -2.25
C LYS D 268 2.60 -12.13 -1.45
N ILE D 269 3.23 -11.33 -0.58
CA ILE D 269 4.34 -11.78 0.26
C ILE D 269 3.90 -12.88 1.18
N LEU D 270 2.77 -12.68 1.89
CA LEU D 270 2.20 -13.69 2.79
C LEU D 270 1.94 -15.00 2.07
N GLU D 271 1.38 -14.93 0.85
CA GLU D 271 1.06 -16.10 0.04
C GLU D 271 2.34 -16.87 -0.34
N PHE D 272 3.40 -16.13 -0.74
CA PHE D 272 4.72 -16.67 -1.12
C PHE D 272 5.35 -17.36 0.07
N LEU D 273 5.38 -16.64 1.18
CA LEU D 273 5.89 -17.13 2.44
C LEU D 273 5.27 -18.47 2.80
N TYR D 274 3.95 -18.52 2.86
CA TYR D 274 3.26 -19.68 3.37
C TYR D 274 3.26 -20.90 2.47
N SER D 275 3.22 -20.67 1.15
CA SER D 275 3.24 -21.77 0.20
C SER D 275 4.54 -22.56 0.30
N THR D 276 5.65 -21.85 0.45
CA THR D 276 6.99 -22.45 0.54
C THR D 276 7.24 -23.14 1.89
N SER D 277 6.21 -23.20 2.76
CA SER D 277 6.30 -23.84 4.08
C SER D 277 5.25 -24.92 4.23
C15 SFF E . 26.68 2.69 2.36
C16 SFF E . 28.18 2.82 2.77
C17 SFF E . 29.04 3.26 1.57
C18 SFF E . 28.87 2.31 0.35
C19 SFF E . 27.38 2.23 -0.08
C14 SFF E . 26.47 1.79 1.10
N13 SFF E . 25.05 1.90 0.69
C8 SFF E . 24.11 1.15 1.24
O7 SFF E . 24.42 0.26 2.25
C3 SFF E . 23.54 -0.66 2.80
C2 SFF E . 24.15 -1.19 4.13
C1 SFF E . 24.36 -0.05 5.13
C6 SFF E . 23.06 0.75 5.40
C5 SFF E . 22.28 1.13 4.13
C4 SFF E . 22.13 -0.05 3.10
S10 SFF E . 21.57 0.56 1.45
O11 SFF E . 21.30 -0.69 0.68
O12 SFF E . 20.37 1.42 1.70
N9 SFF E . 22.80 1.39 0.84
PA NDP F . 32.80 2.24 -3.96
O1A NDP F . 33.19 0.84 -4.27
O2A NDP F . 33.34 3.01 -2.77
O5B NDP F . 33.11 3.19 -5.19
C5B NDP F . 32.72 4.58 -5.20
C4B NDP F . 33.49 5.21 -6.34
O4B NDP F . 33.43 6.66 -6.26
C3B NDP F . 34.97 4.84 -6.39
O3B NDP F . 35.42 4.61 -7.72
C2B NDP F . 35.63 6.06 -5.76
O2B NDP F . 36.95 6.11 -6.32
C1B NDP F . 34.75 7.18 -6.31
N9A NDP F . 34.80 8.42 -5.54
C8A NDP F . 34.87 8.56 -4.18
N7A NDP F . 34.97 9.80 -3.77
C5A NDP F . 34.99 10.54 -4.93
C6A NDP F . 35.14 11.92 -5.18
N6A NDP F . 35.30 12.83 -4.23
N1A NDP F . 35.14 12.33 -6.47
C2A NDP F . 35.00 11.41 -7.44
N3A NDP F . 34.84 10.09 -7.32
C4A NDP F . 34.86 9.71 -6.04
O3 NDP F . 31.21 2.11 -3.71
PN NDP F . 30.13 1.09 -4.28
O1N NDP F . 30.66 0.58 -5.58
O2N NDP F . 29.82 0.14 -3.16
O5D NDP F . 28.79 1.93 -4.53
C5D NDP F . 28.66 2.56 -5.82
C4D NDP F . 27.27 3.16 -5.98
O4D NDP F . 26.27 2.18 -5.65
C3D NDP F . 26.98 4.38 -5.10
O3D NDP F . 26.22 5.37 -5.78
C2D NDP F . 26.24 3.76 -3.93
O2D NDP F . 25.46 4.69 -3.18
C1D NDP F . 25.42 2.69 -4.64
N1N NDP F . 24.98 1.64 -3.72
C2N NDP F . 25.88 0.65 -3.23
C3N NDP F . 25.47 -0.30 -2.35
C7N NDP F . 26.45 -1.31 -1.82
O7N NDP F . 26.06 -2.03 -0.90
N7N NDP F . 27.69 -1.35 -2.30
C4N NDP F . 24.06 -0.31 -1.83
C5N NDP F . 23.18 0.68 -2.50
C6N NDP F . 23.63 1.58 -3.35
P2B NDP F . 38.24 6.93 -5.89
O1X NDP F . 39.39 6.43 -6.74
O2X NDP F . 37.83 8.35 -6.18
O3X NDP F . 38.37 6.68 -4.39
C15 SFF G . 6.24 26.22 -3.73
C16 SFF G . 6.28 27.71 -4.19
C17 SFF G . 6.78 28.63 -3.06
C18 SFF G . 6.06 28.40 -1.69
C19 SFF G . 5.89 26.89 -1.30
C14 SFF G . 5.32 26.07 -2.49
N13 SFF G . 5.18 24.65 -2.11
C8 SFF G . 4.31 23.84 -2.71
O7 SFF G . 3.57 24.28 -3.80
C3 SFF G . 2.52 23.55 -4.35
C2 SFF G . 2.11 24.26 -5.65
C1 SFF G . 3.29 24.31 -6.66
C6 SFF G . 3.83 22.91 -6.94
C5 SFF G . 4.10 22.06 -5.66
C4 SFF G . 2.91 22.09 -4.65
S10 SFF G . 3.40 21.40 -3.02
O11 SFF G . 2.14 21.19 -2.26
O12 SFF G . 4.14 20.15 -3.31
N9 SFF G . 4.31 22.51 -2.30
PA NDP H . 6.26 32.13 2.57
O1A NDP H . 4.96 32.77 2.87
O2A NDP H . 7.14 32.53 1.43
O5B NDP H . 7.22 32.20 3.85
C5B NDP H . 8.58 31.75 3.83
C4B NDP H . 9.23 32.37 5.05
O4B NDP H . 10.65 32.16 5.01
C3B NDP H . 9.01 33.87 5.21
O3B NDP H . 8.80 34.29 6.56
C2B NDP H . 10.29 34.43 4.61
O2B NDP H . 10.55 35.72 5.20
C1B NDP H . 11.30 33.42 5.12
N9A NDP H . 12.56 33.36 4.37
C8A NDP H . 12.73 33.50 3.02
N7A NDP H . 13.97 33.47 2.62
C5A NDP H . 14.69 33.32 3.81
C6A NDP H . 16.07 33.26 4.08
N6A NDP H . 17.02 33.24 3.15
N1A NDP H . 16.45 33.18 5.38
C2A NDP H . 15.50 33.12 6.33
N3A NDP H . 14.17 33.13 6.19
C4A NDP H . 13.83 33.24 4.90
O3 NDP H . 5.94 30.60 2.33
PN NDP H . 4.86 29.62 2.93
O1N NDP H . 4.35 30.22 4.19
O2N NDP H . 3.91 29.28 1.79
O5D NDP H . 5.53 28.20 3.17
C5D NDP H . 6.11 27.94 4.47
C4D NDP H . 6.54 26.50 4.54
O4D NDP H . 5.44 25.62 4.16
C3D NDP H . 7.73 26.10 3.67
O3D NDP H . 8.57 25.19 4.37
C2D NDP H . 7.04 25.45 2.46
O2D NDP H . 7.82 24.55 1.70
C1D NDP H . 5.89 24.73 3.15
N1N NDP H . 4.81 24.46 2.18
C2N NDP H . 3.94 25.50 1.71
C3N NDP H . 2.99 25.24 0.79
C7N NDP H . 2.10 26.32 0.27
O7N NDP H . 1.38 26.04 -0.70
N7N NDP H . 2.14 27.54 0.79
C4N NDP H . 2.84 23.88 0.24
C5N NDP H . 3.70 22.84 0.86
C6N NDP H . 4.63 23.13 1.75
P2B NDP H . 11.59 36.87 4.83
O1X NDP H . 11.24 37.99 5.71
O2X NDP H . 12.95 36.32 4.97
O3X NDP H . 11.33 37.15 3.35
C15 SFF I . -7.78 -25.95 8.11
C16 SFF I . -8.07 -27.45 8.30
C17 SFF I . -9.07 -27.72 9.47
C18 SFF I . -8.70 -26.98 10.77
C19 SFF I . -8.51 -25.48 10.52
C14 SFF I . -7.44 -25.26 9.43
N13 SFF I . -7.28 -23.83 9.17
C8 SFF I . -6.13 -23.31 8.79
O7 SFF I . -5.00 -24.11 8.71
C3 SFF I . -3.73 -23.66 8.38
C2 SFF I . -2.92 -24.85 7.85
C1 SFF I . -3.55 -25.41 6.54
C6 SFF I . -3.63 -24.33 5.46
C5 SFF I . -4.23 -22.97 5.94
C4 SFF I . -3.71 -22.49 7.34
S10 SFF I . -4.78 -21.21 8.07
O11 SFF I . -4.02 -20.65 9.21
O12 SFF I . -5.03 -20.21 6.99
N9 SFF I . -6.12 -21.93 8.54
PA NDP J . -11.68 -28.63 15.57
O1A NDP J . -10.74 -28.88 16.69
O2A NDP J . -11.81 -29.60 14.46
O5B NDP J . -13.13 -28.40 16.19
C5B NDP J . -14.22 -28.07 15.31
C4B NDP J . -15.47 -28.08 16.16
O4B NDP J . -16.63 -27.94 15.30
C3B NDP J . -15.69 -29.35 16.98
O3B NDP J . -16.34 -29.04 18.21
C2B NDP J . -16.62 -30.15 16.06
O2B NDP J . -17.38 -31.09 16.83
C1B NDP J . -17.50 -29.02 15.53
N9A NDP J . -18.26 -29.31 14.30
C8A NDP J . -17.84 -30.02 13.21
N7A NDP J . -18.76 -30.21 12.30
C5A NDP J . -19.88 -29.58 12.84
C6A NDP J . -21.22 -29.48 12.41
N6A NDP J . -21.66 -30.00 11.27
N1A NDP J . -22.10 -28.85 13.22
C2A NDP J . -21.67 -28.36 14.39
N3A NDP J . -20.43 -28.38 14.90
C4A NDP J . -19.58 -29.00 14.07
O3 NDP J . -11.19 -27.26 14.92
PN NDP J . -10.13 -26.14 15.45
O1N NDP J . -10.38 -26.00 16.90
O2N NDP J . -8.80 -26.53 14.79
O5D NDP J . -10.56 -24.76 14.65
C5D NDP J . -11.63 -23.99 15.24
C4D NDP J . -11.80 -22.69 14.47
O4D NDP J . -10.51 -22.04 14.30
C3D NDP J . -12.39 -22.82 13.07
O3D NDP J . -13.34 -21.77 12.82
C2D NDP J . -11.17 -22.73 12.17
O2D NDP J . -11.50 -22.24 10.87
C1D NDP J . -10.32 -21.72 12.94
N1N NDP J . -8.89 -21.84 12.63
C2N NDP J . -8.11 -22.94 13.12
C3N NDP J . -6.80 -23.05 12.81
C7N NDP J . -5.99 -24.20 13.35
O7N NDP J . -4.84 -24.33 12.90
N7N NDP J . -6.53 -25.07 14.20
C4N NDP J . -6.14 -22.07 11.91
C5N NDP J . -6.99 -20.90 11.56
C6N NDP J . -8.26 -20.81 11.89
P2B NDP J . -18.31 -32.32 16.37
O1X NDP J . -18.63 -33.15 17.54
O2X NDP J . -19.52 -31.61 15.80
O3X NDP J . -17.54 -33.00 15.25
C15 SFF K . -24.84 -3.67 -6.67
C16 SFF K . -26.33 -3.58 -7.04
C17 SFF K . -26.67 -4.45 -8.27
C18 SFF K . -25.72 -4.19 -9.45
C19 SFF K . -24.24 -4.38 -9.04
C14 SFF K . -23.92 -3.41 -7.90
N13 SFF K . -22.52 -3.57 -7.48
C8 SFF K . -21.85 -2.60 -6.90
O7 SFF K . -22.41 -1.35 -6.71
C3 SFF K . -21.72 -0.23 -6.26
C2 SFF K . -22.74 0.83 -5.78
C1 SFF K . -23.56 0.30 -4.59
C6 SFF K . -22.65 -0.15 -3.43
C5 SFF K . -21.50 -1.09 -3.87
C4 SFF K . -20.74 -0.54 -5.10
S10 SFF K . -19.62 -1.83 -5.76
O11 SFF K . -18.69 -1.15 -6.69
O12 SFF K . -18.97 -2.42 -4.55
N9 SFF K . -20.55 -2.90 -6.53
PA NDP L . -27.20 -6.49 -14.77
O1A NDP L . -27.13 -5.48 -15.86
O2A NDP L . -28.20 -6.50 -13.65
O5B NDP L . -27.22 -7.93 -15.39
C5B NDP L . -27.10 -9.12 -14.59
C4B NDP L . -27.27 -10.26 -15.55
O4B NDP L . -27.45 -11.51 -14.83
C3B NDP L . -28.47 -10.15 -16.50
O3B NDP L . -28.17 -10.62 -17.81
C2B NDP L . -29.51 -11.01 -15.79
O2B NDP L . -30.51 -11.42 -16.74
C1B NDP L . -28.63 -12.15 -15.29
N9A NDP L . -29.19 -12.92 -14.18
C8A NDP L . -29.88 -12.44 -13.10
N7A NDP L . -30.33 -13.37 -12.29
C5A NDP L . -29.91 -14.54 -12.90
C6A NDP L . -30.14 -15.90 -12.57
N6A NDP L . -30.80 -16.32 -11.49
N1A NDP L . -29.61 -16.84 -13.40
C2A NDP L . -28.90 -16.43 -14.46
N3A NDP L . -28.63 -15.19 -14.86
C4A NDP L . -29.18 -14.28 -14.03
O3 NDP L . -25.83 -6.26 -13.93
PN NDP L . -24.51 -5.40 -14.19
O1N NDP L . -24.28 -5.55 -15.64
O2N NDP L . -24.71 -4.09 -13.47
O5D NDP L . -23.32 -6.12 -13.32
C5D NDP L . -22.65 -7.22 -13.99
C4D NDP L . -21.51 -7.73 -13.14
O4D NDP L . -20.63 -6.64 -12.78
C3D NDP L . -21.91 -8.41 -11.83
O3D NDP L . -21.02 -9.49 -11.55
C2D NDP L . -21.74 -7.29 -10.80
O2D NDP L . -21.50 -7.77 -9.49
C1D NDP L . -20.51 -6.57 -11.37
N1N NDP L . -20.45 -5.19 -10.89
C2N NDP L . -21.29 -4.18 -11.45
C3N NDP L . -21.22 -2.92 -10.98
C7N NDP L . -22.17 -1.86 -11.51
O7N NDP L . -22.14 -0.75 -10.96
N7N NDP L . -23.03 -2.14 -12.48
C4N NDP L . -20.27 -2.56 -9.89
C5N NDP L . -19.41 -3.67 -9.42
C6N NDP L . -19.51 -4.89 -9.91
P2B NDP L . -31.91 -12.14 -16.48
O1X NDP L . -32.62 -12.25 -17.73
O2X NDP L . -31.51 -13.46 -15.89
O3X NDP L . -32.61 -11.29 -15.41
#